data_3VBO
#
_entry.id   3VBO
#
_cell.length_a   353.100
_cell.length_b   353.100
_cell.length_c   353.100
_cell.angle_alpha   90.00
_cell.angle_beta   90.00
_cell.angle_gamma   90.00
#
_symmetry.space_group_name_H-M   'P 42 3 2'
#
loop_
_entity.id
_entity.type
_entity.pdbx_description
1 polymer 'Genome Polyprotein, capsid protein VP1'
2 polymer 'Genome Polyprotein, capsid protein VP2'
3 polymer 'Genome Polyprotein, capsid protein VP3'
4 non-polymer 'SODIUM ION'
5 water water
#
loop_
_entity_poly.entity_id
_entity_poly.type
_entity_poly.pdbx_seq_one_letter_code
_entity_poly.pdbx_strand_id
1 'polypeptide(L)'
;GDRVADVIESSIGDSVSRALTHALPAPTGQNTQVSSHRLDTGKVPALQAAEIGASSNASDESMIETRCVLNSHSTAETTL
DSFFSRAGLVGEIDLPLKGTTNPNGYANWDIDITGYAQMRRKVELFTYMRFDAEFTFVACTPTGEVVPQLLQYMFVPPGA
PKPDSRESLAWQTATNPSVFVKLSDPPAQVSVPFMSPASAYQWFYDGYPTFGEHKQEKDLEYGAMPNNMMGTFSVRTVGT
SKSKYPLVVRIYMRMKHVRAWIPRPMRNQNYLFKANPNYAGNSIKPTGASRTAITTL
;
A
2 'polypeptide(L)'
;VAQLTIGNSTITTQEAANIIVGYGEWPSYCSDSDATAVDKPTRPDVSVNRFYTLDTKLWEKSSKGWYWKFPDVLTETGVF
GQNAQFHYLYRSGFCIHVQCNASKFHQGALLVAVLPEYVIGTVAGGTGTEDTHPPYKQTQPGADGFELQHPYVLDAGIPI
SQLTVCPHQWINLRTNNCATIIVPYINALPFDSALNHCNFGLLVVPISPLDYDQGATPVIPITITLAPMCSEFAGLR
;
B
3 'polypeptide(L)'
;GFPTELKPGTNQFLTTDDGVSAPILPNFHPTPCIHIPGEVRNLLELCQVETILEVNNVPTNATSLMERLRFPVSAQAGKG
ELCAVFRADPGRNGPWQSTLLGQLCGYYTQWSGSLEVTFMFTGSFMATGKMLIAYTPPGGPLPKDRATAMLGTHVIWDFG
LQSSVTLVIPWISNTHYRAHARDGVFDYYTTGLVSIWYQTNYVVPIGAPNTAYIIALAAAQKNFTMKLCKDASDILQTG
;
C
#
loop_
_chem_comp.id
_chem_comp.type
_chem_comp.name
_chem_comp.formula
NA non-polymer 'SODIUM ION' 'Na 1'
#
# COMPACT_ATOMS: atom_id res chain seq x y z
N HIS A 73 -3.29 -3.84 -27.47
CA HIS A 73 -4.60 -3.25 -27.02
C HIS A 73 -5.23 -3.91 -25.76
N SER A 74 -4.94 -5.19 -25.53
CA SER A 74 -5.49 -5.94 -24.38
C SER A 74 -4.89 -5.64 -23.00
N THR A 75 -5.67 -5.90 -21.96
CA THR A 75 -5.25 -5.61 -20.58
C THR A 75 -5.47 -6.76 -19.58
N ALA A 76 -5.56 -8.00 -20.06
CA ALA A 76 -5.81 -9.11 -19.16
C ALA A 76 -4.66 -9.40 -18.22
N GLU A 77 -3.44 -9.19 -18.67
CA GLU A 77 -2.32 -9.49 -17.80
C GLU A 77 -2.17 -8.60 -16.57
N THR A 78 -2.92 -7.51 -16.51
CA THR A 78 -2.82 -6.60 -15.38
C THR A 78 -4.04 -6.70 -14.44
N THR A 79 -4.84 -7.75 -14.62
CA THR A 79 -6.00 -7.96 -13.77
C THR A 79 -5.49 -8.58 -12.50
N LEU A 80 -6.23 -8.41 -11.41
CA LEU A 80 -5.77 -8.98 -10.16
C LEU A 80 -5.59 -10.48 -10.26
N ASP A 81 -6.51 -11.16 -10.94
CA ASP A 81 -6.39 -12.61 -11.06
C ASP A 81 -5.08 -12.94 -11.77
N SER A 82 -4.77 -12.23 -12.83
CA SER A 82 -3.52 -12.48 -13.54
C SER A 82 -2.31 -12.23 -12.64
N PHE A 83 -2.33 -11.10 -11.94
CA PHE A 83 -1.25 -10.69 -11.06
C PHE A 83 -0.96 -11.68 -9.94
N PHE A 84 -2.01 -12.36 -9.48
CA PHE A 84 -1.87 -13.33 -8.40
C PHE A 84 -2.02 -14.80 -8.80
N SER A 85 -2.07 -15.09 -10.09
CA SER A 85 -2.22 -16.48 -10.51
C SER A 85 -0.98 -17.27 -10.16
N ARG A 86 -0.81 -18.38 -10.86
CA ARG A 86 0.35 -19.24 -10.68
C ARG A 86 0.48 -19.89 -9.31
N ALA A 87 0.98 -21.12 -9.36
CA ALA A 87 1.21 -21.94 -8.19
C ALA A 87 2.63 -21.73 -7.73
N GLY A 88 2.79 -21.17 -6.54
CA GLY A 88 4.14 -20.95 -6.05
C GLY A 88 4.49 -21.91 -4.94
N LEU A 89 5.78 -22.03 -4.65
CA LEU A 89 6.21 -22.90 -3.57
C LEU A 89 6.07 -22.15 -2.25
N VAL A 90 5.16 -22.61 -1.42
CA VAL A 90 4.92 -21.98 -0.15
C VAL A 90 5.43 -22.78 1.04
N GLY A 91 5.60 -24.09 0.87
CA GLY A 91 6.08 -24.89 1.98
C GLY A 91 6.92 -26.07 1.57
N GLU A 92 7.80 -26.49 2.48
CA GLU A 92 8.69 -27.63 2.24
C GLU A 92 8.79 -28.42 3.55
N ILE A 93 8.26 -29.63 3.55
CA ILE A 93 8.27 -30.48 4.74
C ILE A 93 9.38 -31.52 4.62
N ASP A 94 10.27 -31.55 5.60
CA ASP A 94 11.35 -32.53 5.60
C ASP A 94 11.10 -33.69 6.55
N LEU A 95 11.16 -34.92 6.01
CA LEU A 95 10.93 -36.12 6.79
C LEU A 95 12.10 -37.06 6.63
N PRO A 96 13.21 -36.73 7.30
CA PRO A 96 14.51 -37.41 7.36
C PRO A 96 14.40 -38.69 8.17
N LEU A 97 15.33 -39.63 7.98
CA LEU A 97 15.31 -40.89 8.73
C LEU A 97 16.02 -40.67 10.07
N LYS A 98 17.25 -40.18 9.97
CA LYS A 98 18.06 -39.87 11.13
C LYS A 98 18.00 -38.36 11.18
N GLY A 99 17.86 -37.77 12.35
CA GLY A 99 17.82 -36.32 12.39
C GLY A 99 17.21 -35.64 13.59
N THR A 100 17.49 -34.35 13.68
CA THR A 100 17.00 -33.49 14.76
C THR A 100 15.65 -32.93 14.29
N THR A 101 15.61 -32.66 13.00
CA THR A 101 14.46 -32.10 12.32
C THR A 101 13.28 -33.08 12.15
N ASN A 102 12.08 -32.64 12.54
CA ASN A 102 10.84 -33.45 12.48
C ASN A 102 11.06 -34.93 12.76
N PRO A 103 11.56 -35.24 13.97
CA PRO A 103 11.86 -36.60 14.44
C PRO A 103 10.70 -37.58 14.58
N ASN A 104 9.47 -37.13 14.33
CA ASN A 104 8.38 -38.07 14.48
C ASN A 104 7.62 -38.48 13.23
N GLY A 105 8.31 -38.47 12.09
CA GLY A 105 7.67 -38.89 10.85
C GLY A 105 6.44 -38.11 10.44
N TYR A 106 6.19 -36.99 11.13
CA TYR A 106 5.06 -36.11 10.81
C TYR A 106 5.50 -34.67 10.98
N ALA A 107 4.69 -33.75 10.44
CA ALA A 107 4.97 -32.32 10.48
C ALA A 107 3.68 -31.53 10.36
N ASN A 108 3.59 -30.37 11.03
CA ASN A 108 2.40 -29.54 10.94
C ASN A 108 2.75 -28.20 10.30
N TRP A 109 2.22 -27.97 9.09
CA TRP A 109 2.48 -26.73 8.38
C TRP A 109 1.26 -25.85 8.40
N ASP A 110 1.30 -24.78 9.18
CA ASP A 110 0.17 -23.87 9.21
C ASP A 110 0.27 -23.16 7.87
N ILE A 111 -0.87 -22.99 7.21
CA ILE A 111 -0.89 -22.38 5.89
C ILE A 111 -0.46 -20.94 5.95
N ASP A 112 0.61 -20.64 5.21
CA ASP A 112 1.22 -19.31 5.14
C ASP A 112 1.48 -18.93 3.68
N ILE A 113 0.68 -18.01 3.13
CA ILE A 113 0.84 -17.64 1.72
C ILE A 113 2.14 -16.91 1.49
N THR A 114 2.73 -16.48 2.60
CA THR A 114 3.98 -15.75 2.59
C THR A 114 5.17 -16.65 2.28
N GLY A 115 4.89 -17.96 2.23
CA GLY A 115 5.91 -18.95 1.94
C GLY A 115 6.68 -18.68 0.66
N TYR A 116 5.98 -18.08 -0.31
CA TYR A 116 6.56 -17.68 -1.58
C TYR A 116 7.06 -16.26 -1.23
N ALA A 117 8.38 -16.11 -1.15
CA ALA A 117 9.03 -14.84 -0.79
C ALA A 117 8.29 -13.63 -1.27
N GLN A 118 8.26 -13.56 -2.59
CA GLN A 118 7.63 -12.52 -3.39
C GLN A 118 6.19 -12.16 -3.05
N MET A 119 5.45 -13.07 -2.43
CA MET A 119 4.06 -12.82 -2.14
C MET A 119 3.74 -11.71 -1.17
N ARG A 120 4.41 -11.69 -0.03
CA ARG A 120 4.09 -10.66 0.96
C ARG A 120 3.91 -9.25 0.42
N ARG A 121 4.90 -8.75 -0.30
CA ARG A 121 4.84 -7.41 -0.86
C ARG A 121 3.69 -7.24 -1.82
N LYS A 122 3.41 -8.26 -2.62
CA LYS A 122 2.34 -8.18 -3.56
C LYS A 122 0.95 -8.08 -2.94
N VAL A 123 0.62 -8.98 -2.03
CA VAL A 123 -0.69 -8.92 -1.42
C VAL A 123 -0.85 -7.63 -0.62
N GLU A 124 0.26 -7.16 -0.04
CA GLU A 124 0.28 -5.94 0.76
C GLU A 124 0.14 -4.62 -0.02
N LEU A 125 -0.17 -4.75 -1.31
CA LEU A 125 -0.38 -3.58 -2.17
C LEU A 125 -1.82 -3.17 -1.86
N PHE A 126 -2.55 -4.11 -1.24
CA PHE A 126 -3.95 -3.93 -0.86
C PHE A 126 -4.14 -4.16 0.64
N THR A 127 -5.28 -3.69 1.15
CA THR A 127 -5.62 -3.82 2.57
C THR A 127 -6.48 -5.05 2.85
N TYR A 128 -7.47 -5.27 1.98
CA TYR A 128 -8.37 -6.39 2.13
C TYR A 128 -8.33 -7.24 0.87
N MET A 129 -8.34 -8.56 1.05
CA MET A 129 -8.33 -9.51 -0.07
C MET A 129 -9.20 -10.71 0.24
N ARG A 130 -9.65 -11.36 -0.82
CA ARG A 130 -10.49 -12.54 -0.68
C ARG A 130 -10.10 -13.48 -1.82
N PHE A 131 -9.97 -14.77 -1.49
CA PHE A 131 -9.59 -15.76 -2.50
C PHE A 131 -9.62 -17.22 -2.02
N ASP A 132 -9.48 -18.12 -3.00
CA ASP A 132 -9.42 -19.58 -2.78
C ASP A 132 -8.01 -20.00 -3.10
N ALA A 133 -7.69 -21.23 -2.75
CA ALA A 133 -6.37 -21.71 -3.02
C ALA A 133 -6.38 -23.16 -3.41
N GLU A 134 -5.54 -23.48 -4.39
CA GLU A 134 -5.40 -24.85 -4.86
C GLU A 134 -4.04 -25.26 -4.33
N PHE A 135 -3.99 -26.35 -3.57
CA PHE A 135 -2.75 -26.84 -3.03
C PHE A 135 -2.30 -28.09 -3.75
N THR A 136 -1.03 -28.12 -4.13
CA THR A 136 -0.45 -29.25 -4.83
C THR A 136 0.75 -29.74 -4.03
N PHE A 137 0.79 -31.05 -3.77
CA PHE A 137 1.85 -31.70 -3.01
C PHE A 137 2.81 -32.52 -3.88
N VAL A 138 4.05 -32.04 -4.02
CA VAL A 138 5.06 -32.72 -4.83
C VAL A 138 6.07 -33.39 -3.87
N ALA A 139 6.02 -34.72 -3.76
CA ALA A 139 6.90 -35.45 -2.85
C ALA A 139 7.90 -36.39 -3.49
N CYS A 140 9.06 -36.46 -2.86
CA CYS A 140 10.14 -37.32 -3.33
C CYS A 140 11.24 -37.35 -2.26
N THR A 141 12.35 -38.01 -2.58
CA THR A 141 13.46 -38.06 -1.64
C THR A 141 14.30 -36.85 -1.94
N PRO A 142 15.30 -36.61 -1.11
CA PRO A 142 16.16 -35.45 -1.34
C PRO A 142 16.97 -35.50 -2.63
N THR A 143 16.96 -36.64 -3.32
CA THR A 143 17.67 -36.72 -4.61
C THR A 143 16.67 -36.65 -5.76
N GLY A 144 15.39 -36.49 -5.41
CA GLY A 144 14.32 -36.41 -6.38
C GLY A 144 13.86 -37.81 -6.78
N GLU A 145 14.34 -38.80 -6.05
CA GLU A 145 14.01 -40.18 -6.36
C GLU A 145 12.60 -40.46 -5.95
N VAL A 146 11.98 -41.39 -6.66
CA VAL A 146 10.60 -41.79 -6.38
C VAL A 146 10.62 -43.15 -5.70
N VAL A 147 9.91 -43.27 -4.58
CA VAL A 147 9.88 -44.51 -3.83
C VAL A 147 8.46 -44.93 -3.48
N PRO A 148 8.24 -46.23 -3.30
CA PRO A 148 6.96 -46.87 -2.96
C PRO A 148 6.47 -46.56 -1.56
N GLN A 149 6.13 -45.30 -1.32
CA GLN A 149 5.67 -44.85 -0.01
C GLN A 149 4.30 -44.17 -0.02
N LEU A 150 3.46 -44.59 0.90
CA LEU A 150 2.14 -44.04 1.06
C LEU A 150 2.19 -42.87 2.04
N LEU A 151 1.51 -41.79 1.70
CA LEU A 151 1.48 -40.60 2.53
C LEU A 151 0.07 -40.16 2.89
N GLN A 152 -0.01 -39.34 3.93
CA GLN A 152 -1.27 -38.78 4.40
C GLN A 152 -1.14 -37.27 4.55
N TYR A 153 -1.99 -36.53 3.85
CA TYR A 153 -2.02 -35.08 3.96
C TYR A 153 -3.37 -34.81 4.59
N MET A 154 -3.32 -34.30 5.80
CA MET A 154 -4.51 -34.00 6.56
C MET A 154 -4.66 -32.51 6.74
N PHE A 155 -5.83 -32.00 6.41
CA PHE A 155 -6.07 -30.60 6.55
C PHE A 155 -6.87 -30.43 7.80
N VAL A 156 -6.28 -29.79 8.81
CA VAL A 156 -7.03 -29.53 10.03
C VAL A 156 -7.43 -28.08 9.91
N PRO A 157 -8.73 -27.86 9.72
CA PRO A 157 -9.28 -26.52 9.58
C PRO A 157 -9.11 -25.69 10.83
N PRO A 158 -9.09 -24.38 10.65
CA PRO A 158 -8.95 -23.49 11.81
C PRO A 158 -9.93 -23.90 12.90
N GLY A 159 -9.49 -23.80 14.15
CA GLY A 159 -10.36 -24.17 15.26
C GLY A 159 -10.24 -25.62 15.68
N ALA A 160 -9.60 -26.43 14.84
CA ALA A 160 -9.41 -27.84 15.14
C ALA A 160 -8.02 -28.05 15.73
N PRO A 161 -7.90 -29.09 16.57
CA PRO A 161 -6.66 -29.46 17.25
C PRO A 161 -5.75 -30.16 16.27
N LYS A 162 -4.49 -29.76 16.24
CA LYS A 162 -3.52 -30.37 15.34
C LYS A 162 -2.96 -31.63 16.04
N PRO A 163 -2.37 -32.56 15.28
CA PRO A 163 -1.83 -33.77 15.91
C PRO A 163 -0.59 -33.38 16.72
N ASP A 164 -0.33 -34.06 17.83
CA ASP A 164 0.86 -33.76 18.64
C ASP A 164 1.84 -34.93 18.60
N SER A 165 1.40 -36.03 18.00
CA SER A 165 2.24 -37.21 17.91
C SER A 165 1.86 -38.01 16.71
N ARG A 166 2.74 -38.91 16.33
CA ARG A 166 2.46 -39.77 15.18
C ARG A 166 1.24 -40.65 15.49
N GLU A 167 0.82 -40.71 16.76
CA GLU A 167 -0.32 -41.54 17.14
C GLU A 167 -1.52 -40.78 17.70
N SER A 168 -1.56 -39.48 17.44
CA SER A 168 -2.64 -38.61 17.88
C SER A 168 -3.99 -39.07 17.26
N LEU A 169 -5.08 -39.02 18.02
CA LEU A 169 -6.35 -39.44 17.42
C LEU A 169 -6.84 -38.43 16.41
N ALA A 170 -6.11 -37.33 16.27
CA ALA A 170 -6.47 -36.28 15.32
C ALA A 170 -6.33 -36.83 13.92
N TRP A 171 -5.28 -37.62 13.69
CA TRP A 171 -5.05 -38.20 12.37
C TRP A 171 -6.27 -38.99 11.93
N GLN A 172 -7.08 -39.42 12.90
CA GLN A 172 -8.27 -40.20 12.59
C GLN A 172 -9.61 -39.47 12.66
N THR A 173 -9.58 -38.20 13.07
CA THR A 173 -10.80 -37.41 13.15
C THR A 173 -11.32 -37.07 11.75
N ALA A 174 -12.49 -37.63 11.45
CA ALA A 174 -13.15 -37.47 10.15
C ALA A 174 -13.31 -36.05 9.65
N THR A 175 -13.57 -35.12 10.57
CA THR A 175 -13.76 -33.73 10.19
C THR A 175 -12.49 -33.03 9.71
N ASN A 176 -11.35 -33.75 9.71
CA ASN A 176 -10.11 -33.20 9.19
C ASN A 176 -9.96 -33.96 7.91
N PRO A 177 -10.27 -33.31 6.78
CA PRO A 177 -10.18 -33.93 5.46
C PRO A 177 -8.76 -34.44 5.27
N SER A 178 -8.61 -35.68 4.80
CA SER A 178 -7.28 -36.21 4.55
C SER A 178 -7.23 -36.78 3.16
N VAL A 179 -6.08 -36.68 2.51
CA VAL A 179 -5.95 -37.30 1.20
C VAL A 179 -4.82 -38.30 1.39
N PHE A 180 -5.06 -39.54 0.96
CA PHE A 180 -4.05 -40.58 1.04
C PHE A 180 -3.57 -40.77 -0.37
N VAL A 181 -2.26 -40.74 -0.52
CA VAL A 181 -1.66 -40.86 -1.83
C VAL A 181 -0.26 -41.47 -1.80
N LYS A 182 0.11 -42.07 -2.94
CA LYS A 182 1.40 -42.70 -3.09
C LYS A 182 2.37 -41.69 -3.68
N LEU A 183 3.63 -41.82 -3.30
CA LEU A 183 4.65 -40.94 -3.79
C LEU A 183 4.81 -41.19 -5.29
N SER A 184 4.37 -42.36 -5.73
CA SER A 184 4.45 -42.72 -7.14
C SER A 184 3.32 -42.09 -7.94
N ASP A 185 2.16 -41.91 -7.30
CA ASP A 185 1.00 -41.28 -7.94
C ASP A 185 1.40 -39.83 -8.24
N PRO A 186 0.76 -39.20 -9.25
CA PRO A 186 1.12 -37.80 -9.52
C PRO A 186 0.74 -36.93 -8.30
N PRO A 187 1.29 -35.71 -8.23
CA PRO A 187 1.03 -34.79 -7.11
C PRO A 187 -0.43 -34.78 -6.68
N ALA A 188 -0.65 -34.63 -5.39
CA ALA A 188 -2.01 -34.58 -4.88
C ALA A 188 -2.42 -33.14 -5.05
N GLN A 189 -3.71 -32.89 -5.17
CA GLN A 189 -4.17 -31.53 -5.37
C GLN A 189 -5.57 -31.36 -4.79
N VAL A 190 -5.77 -30.28 -4.05
CA VAL A 190 -7.07 -30.03 -3.44
C VAL A 190 -7.34 -28.54 -3.40
N SER A 191 -8.61 -28.18 -3.19
CA SER A 191 -8.99 -26.79 -3.11
C SER A 191 -9.47 -26.40 -1.71
N VAL A 192 -8.94 -25.27 -1.24
CA VAL A 192 -9.30 -24.75 0.07
C VAL A 192 -10.04 -23.42 -0.12
N PRO A 193 -11.25 -23.35 0.42
CA PRO A 193 -12.12 -22.17 0.35
C PRO A 193 -11.68 -20.99 1.21
N PHE A 194 -12.40 -19.88 1.07
CA PHE A 194 -12.15 -18.68 1.86
C PHE A 194 -12.64 -19.09 3.25
N MET A 195 -11.72 -19.19 4.19
CA MET A 195 -12.02 -19.65 5.53
C MET A 195 -12.45 -18.64 6.57
N SER A 196 -11.94 -17.42 6.43
CA SER A 196 -12.23 -16.36 7.37
C SER A 196 -13.69 -16.17 7.77
N PRO A 197 -13.94 -15.83 9.04
CA PRO A 197 -15.31 -15.61 9.49
C PRO A 197 -15.69 -14.19 9.08
N ALA A 198 -14.68 -13.41 8.70
CA ALA A 198 -14.90 -12.02 8.25
C ALA A 198 -15.15 -12.06 6.76
N SER A 199 -15.60 -10.94 6.22
CA SER A 199 -15.94 -10.86 4.81
C SER A 199 -14.72 -10.92 3.90
N ALA A 200 -13.55 -10.63 4.46
CA ALA A 200 -12.29 -10.68 3.73
C ALA A 200 -11.08 -10.78 4.65
N TYR A 201 -9.98 -11.31 4.11
CA TYR A 201 -8.74 -11.40 4.86
C TYR A 201 -8.25 -9.96 4.84
N GLN A 202 -7.41 -9.58 5.79
CA GLN A 202 -6.86 -8.24 5.78
C GLN A 202 -5.44 -8.25 6.32
N TRP A 203 -4.53 -7.78 5.50
CA TRP A 203 -3.13 -7.77 5.85
C TRP A 203 -2.77 -6.75 6.92
N PHE A 204 -3.63 -5.75 7.11
CA PHE A 204 -3.37 -4.74 8.13
C PHE A 204 -4.55 -4.54 9.05
N TYR A 205 -4.27 -4.52 10.34
CA TYR A 205 -5.29 -4.33 11.35
C TYR A 205 -4.79 -3.35 12.40
N ASP A 206 -5.18 -2.09 12.29
CA ASP A 206 -4.73 -1.09 13.27
C ASP A 206 -5.56 -1.18 14.54
N GLY A 207 -5.21 -2.13 15.39
CA GLY A 207 -5.95 -2.30 16.62
C GLY A 207 -5.48 -3.51 17.40
N TYR A 208 -6.18 -3.80 18.49
CA TYR A 208 -5.86 -4.91 19.35
C TYR A 208 -7.08 -5.82 19.46
N PRO A 209 -6.89 -7.15 19.44
CA PRO A 209 -8.03 -8.05 19.55
C PRO A 209 -8.46 -8.18 21.03
N THR A 210 -9.69 -7.74 21.32
CA THR A 210 -10.26 -7.73 22.68
C THR A 210 -9.58 -8.65 23.70
N LYS A 218 1.22 0.43 24.89
CA LYS A 218 2.17 -0.55 24.36
C LYS A 218 1.62 -1.95 24.59
N ASP A 219 1.65 -2.79 23.55
CA ASP A 219 1.17 -4.16 23.66
C ASP A 219 1.80 -5.03 22.57
N LEU A 220 1.73 -6.35 22.77
CA LEU A 220 2.28 -7.32 21.83
C LEU A 220 1.22 -7.89 20.88
N GLU A 221 -0.03 -7.46 21.05
CA GLU A 221 -1.15 -7.92 20.22
C GLU A 221 -1.51 -6.95 19.10
N TYR A 222 -0.77 -5.86 19.00
CA TYR A 222 -1.04 -4.85 17.99
C TYR A 222 -0.84 -5.31 16.55
N GLY A 223 -1.89 -5.17 15.75
CA GLY A 223 -1.84 -5.54 14.34
C GLY A 223 -2.13 -6.98 14.01
N ALA A 224 -2.64 -7.73 14.98
CA ALA A 224 -2.91 -9.12 14.75
C ALA A 224 -4.34 -9.43 14.35
N MET A 225 -4.53 -9.78 13.07
CA MET A 225 -5.86 -10.16 12.62
C MET A 225 -5.81 -11.68 12.60
N PRO A 226 -6.44 -12.32 13.59
CA PRO A 226 -6.46 -13.78 13.71
C PRO A 226 -7.39 -14.44 12.71
N ASN A 227 -8.48 -13.76 12.41
CA ASN A 227 -9.48 -14.26 11.49
C ASN A 227 -8.93 -14.39 10.08
N ASN A 228 -7.64 -14.70 9.99
CA ASN A 228 -6.97 -14.89 8.68
C ASN A 228 -6.41 -16.30 8.60
N MET A 229 -6.67 -17.09 9.64
CA MET A 229 -6.17 -18.45 9.66
C MET A 229 -6.88 -19.22 8.56
N MET A 230 -6.09 -19.85 7.68
CA MET A 230 -6.59 -20.65 6.58
C MET A 230 -6.67 -22.13 6.94
N GLY A 231 -5.97 -22.52 8.00
CA GLY A 231 -5.95 -23.91 8.42
C GLY A 231 -4.52 -24.45 8.48
N THR A 232 -4.40 -25.76 8.68
CA THR A 232 -3.08 -26.37 8.77
C THR A 232 -3.05 -27.67 8.01
N PHE A 233 -1.89 -27.99 7.45
CA PHE A 233 -1.70 -29.25 6.73
C PHE A 233 -0.75 -30.08 7.57
N SER A 234 -1.20 -31.25 8.00
CA SER A 234 -0.39 -32.17 8.78
C SER A 234 0.05 -33.25 7.82
N VAL A 235 1.36 -33.36 7.62
CA VAL A 235 1.91 -34.33 6.70
C VAL A 235 2.57 -35.48 7.43
N ARG A 236 2.57 -36.65 6.82
CA ARG A 236 3.18 -37.82 7.45
C ARG A 236 3.17 -39.04 6.57
N THR A 237 4.12 -39.94 6.81
CA THR A 237 4.11 -41.17 6.06
C THR A 237 3.05 -41.98 6.77
N VAL A 238 2.43 -42.90 6.05
CA VAL A 238 1.40 -43.73 6.65
C VAL A 238 2.08 -44.87 7.40
N GLY A 239 1.33 -45.53 8.26
CA GLY A 239 1.89 -46.66 8.99
C GLY A 239 2.21 -46.42 10.45
N THR A 240 2.44 -47.53 11.15
CA THR A 240 2.77 -47.51 12.58
C THR A 240 4.29 -47.43 12.75
N SER A 241 5.03 -48.03 11.81
CA SER A 241 6.50 -48.04 11.81
C SER A 241 7.07 -46.93 10.91
N LYS A 242 8.25 -46.43 11.28
CA LYS A 242 8.90 -45.35 10.52
C LYS A 242 9.11 -45.76 9.06
N SER A 243 9.05 -44.80 8.15
CA SER A 243 9.24 -45.07 6.73
C SER A 243 10.65 -45.56 6.40
N LYS A 244 10.77 -46.45 5.42
CA LYS A 244 12.09 -46.94 5.03
C LYS A 244 12.89 -45.86 4.29
N TYR A 245 12.20 -44.84 3.79
CA TYR A 245 12.83 -43.79 3.00
C TYR A 245 12.80 -42.38 3.59
N PRO A 246 13.79 -41.57 3.22
CA PRO A 246 13.93 -40.17 3.65
C PRO A 246 13.09 -39.36 2.66
N LEU A 247 12.16 -38.57 3.16
CA LEU A 247 11.29 -37.86 2.26
C LEU A 247 11.24 -36.37 2.36
N VAL A 248 10.64 -35.77 1.35
CA VAL A 248 10.43 -34.34 1.27
C VAL A 248 9.14 -34.03 0.53
N VAL A 249 8.30 -33.21 1.16
CA VAL A 249 7.06 -32.83 0.54
C VAL A 249 7.06 -31.33 0.32
N ARG A 250 6.96 -30.94 -0.95
CA ARG A 250 6.92 -29.52 -1.31
C ARG A 250 5.45 -29.15 -1.55
N ILE A 251 5.02 -28.07 -0.92
CA ILE A 251 3.65 -27.59 -1.05
C ILE A 251 3.57 -26.33 -1.91
N TYR A 252 2.81 -26.45 -2.99
CA TYR A 252 2.60 -25.35 -3.91
C TYR A 252 1.18 -24.81 -3.76
N MET A 253 1.04 -23.49 -3.81
CA MET A 253 -0.28 -22.89 -3.67
C MET A 253 -0.61 -21.92 -4.79
N ARG A 254 -1.78 -22.09 -5.39
CA ARG A 254 -2.24 -21.24 -6.48
C ARG A 254 -3.44 -20.47 -5.96
N MET A 255 -3.36 -19.15 -5.96
CA MET A 255 -4.50 -18.36 -5.50
C MET A 255 -5.51 -18.27 -6.65
N LYS A 256 -6.80 -18.36 -6.32
CA LYS A 256 -7.80 -18.24 -7.37
C LYS A 256 -9.03 -17.46 -6.89
N HIS A 257 -9.73 -16.82 -7.83
CA HIS A 257 -10.93 -16.02 -7.53
C HIS A 257 -10.57 -14.89 -6.60
N VAL A 258 -9.57 -14.12 -7.01
CA VAL A 258 -9.07 -13.03 -6.22
C VAL A 258 -9.82 -11.71 -6.31
N ARG A 259 -10.01 -11.08 -5.14
CA ARG A 259 -10.66 -9.80 -5.03
C ARG A 259 -9.88 -9.01 -3.99
N ALA A 260 -9.67 -7.71 -4.25
CA ALA A 260 -8.93 -6.86 -3.33
C ALA A 260 -9.46 -5.43 -3.19
N TRP A 261 -9.24 -4.83 -2.02
CA TRP A 261 -9.70 -3.47 -1.74
C TRP A 261 -8.67 -2.60 -1.02
N ILE A 262 -8.82 -1.29 -1.20
CA ILE A 262 -7.99 -0.28 -0.56
C ILE A 262 -6.50 -0.45 -0.84
N PRO A 263 -6.03 0.02 -2.00
CA PRO A 263 -4.61 -0.10 -2.34
C PRO A 263 -3.81 0.81 -1.42
N ARG A 264 -2.53 0.49 -1.21
CA ARG A 264 -1.67 1.29 -0.35
C ARG A 264 -0.24 1.31 -0.87
N PRO A 265 0.59 2.28 -0.42
CA PRO A 265 1.97 2.35 -0.89
C PRO A 265 2.71 1.00 -0.79
N MET A 266 3.52 0.69 -1.80
CA MET A 266 4.26 -0.57 -1.82
C MET A 266 5.50 -0.52 -0.93
N ARG A 267 5.63 -1.54 -0.08
CA ARG A 267 6.74 -1.68 0.85
C ARG A 267 8.02 -1.25 0.18
N ASN A 268 8.79 -0.37 0.84
CA ASN A 268 10.03 0.11 0.26
C ASN A 268 11.22 -0.07 1.18
N GLN A 269 10.99 -0.67 2.33
CA GLN A 269 12.04 -0.97 3.31
C GLN A 269 11.95 -2.46 3.55
N ASN A 270 13.08 -3.12 3.77
CA ASN A 270 13.07 -4.56 3.99
C ASN A 270 12.24 -4.98 5.18
N TYR A 271 11.69 -6.19 5.09
CA TYR A 271 10.86 -6.73 6.17
C TYR A 271 11.77 -7.25 7.29
N LEU A 272 11.28 -7.22 8.53
CA LEU A 272 12.07 -7.70 9.68
C LEU A 272 11.36 -8.86 10.40
N PHE A 273 10.04 -8.75 10.51
CA PHE A 273 9.25 -9.77 11.18
C PHE A 273 8.00 -10.08 10.39
N LYS A 274 7.63 -11.36 10.37
CA LYS A 274 6.46 -11.84 9.63
C LYS A 274 5.16 -11.15 10.01
N ALA A 275 5.00 -10.86 11.30
CA ALA A 275 3.77 -10.28 11.79
C ALA A 275 3.59 -8.77 11.81
N ASN A 276 4.63 -7.99 11.63
CA ASN A 276 4.44 -6.55 11.65
C ASN A 276 5.26 -5.81 10.62
N PRO A 277 4.98 -4.51 10.45
CA PRO A 277 5.68 -3.64 9.51
C PRO A 277 6.99 -3.03 10.00
N ASN A 278 7.45 -3.44 11.18
CA ASN A 278 8.68 -2.88 11.74
C ASN A 278 9.78 -2.79 10.68
N TYR A 279 10.53 -1.70 10.72
CA TYR A 279 11.60 -1.49 9.75
C TYR A 279 12.86 -1.10 10.49
N ALA A 280 14.02 -1.41 9.92
CA ALA A 280 15.26 -1.06 10.57
C ALA A 280 15.48 0.46 10.53
N GLY A 281 15.23 1.11 11.67
CA GLY A 281 15.38 2.56 11.78
C GLY A 281 16.76 3.14 11.54
N ASN A 282 17.79 2.30 11.61
CA ASN A 282 19.15 2.76 11.38
C ASN A 282 19.41 2.77 9.89
N SER A 283 18.96 1.69 9.25
CA SER A 283 19.14 1.51 7.82
C SER A 283 17.98 1.93 6.96
N ILE A 284 17.42 3.13 7.19
CA ILE A 284 16.32 3.56 6.35
C ILE A 284 16.88 4.02 5.01
N LYS A 285 16.67 3.21 3.98
CA LYS A 285 17.17 3.50 2.64
C LYS A 285 16.18 4.25 1.78
N PRO A 286 16.68 4.97 0.76
CA PRO A 286 15.77 5.70 -0.12
C PRO A 286 15.05 4.68 -0.99
N THR A 287 13.81 4.99 -1.35
CA THR A 287 12.97 4.10 -2.13
C THR A 287 13.65 3.49 -3.33
N GLY A 288 14.52 4.26 -3.99
CA GLY A 288 15.21 3.75 -5.16
C GLY A 288 16.65 4.21 -5.31
N ALA A 289 17.14 4.18 -6.55
CA ALA A 289 18.51 4.59 -6.81
C ALA A 289 18.70 6.08 -6.78
N SER A 290 19.95 6.49 -6.54
CA SER A 290 20.28 7.90 -6.48
C SER A 290 21.28 8.28 -7.58
N ARG A 291 21.57 9.57 -7.69
CA ARG A 291 22.52 10.08 -8.68
C ARG A 291 23.28 11.24 -8.08
N THR A 292 24.27 11.73 -8.83
CA THR A 292 25.12 12.80 -8.34
C THR A 292 24.46 14.16 -8.22
N ALA A 293 23.78 14.58 -9.28
CA ALA A 293 23.10 15.86 -9.27
C ALA A 293 21.84 15.75 -10.09
N ILE A 294 20.89 16.62 -9.78
CA ILE A 294 19.59 16.63 -10.44
C ILE A 294 19.65 17.10 -11.89
N THR A 295 20.82 17.53 -12.31
CA THR A 295 21.00 18.06 -13.65
C THR A 295 21.88 17.19 -14.52
N THR A 296 22.25 16.03 -14.00
CA THR A 296 23.12 15.16 -14.75
C THR A 296 22.51 13.81 -14.85
N LEU A 297 22.20 13.40 -16.06
CA LEU A 297 21.60 12.09 -16.26
C LEU A 297 22.70 11.04 -16.38
N VAL B 1 -17.26 32.87 0.54
CA VAL B 1 -17.16 32.76 2.01
C VAL B 1 -18.53 32.78 2.68
N ALA B 2 -18.76 31.83 3.58
CA ALA B 2 -20.04 31.71 4.32
C ALA B 2 -19.89 30.72 5.49
N GLN B 3 -20.55 31.00 6.62
CA GLN B 3 -20.46 30.13 7.80
C GLN B 3 -21.64 29.15 8.00
N LEU B 4 -21.30 27.87 8.15
CA LEU B 4 -22.27 26.80 8.34
C LEU B 4 -22.40 26.26 9.77
N THR B 5 -23.59 25.80 10.11
CA THR B 5 -23.89 25.30 11.45
C THR B 5 -24.56 23.92 11.50
N ILE B 6 -24.16 23.12 12.48
CA ILE B 6 -24.75 21.81 12.73
C ILE B 6 -24.94 21.74 14.24
N GLY B 7 -26.18 21.91 14.69
CA GLY B 7 -26.42 21.90 16.12
C GLY B 7 -25.93 23.22 16.68
N ASN B 8 -25.12 23.18 17.72
CA ASN B 8 -24.62 24.39 18.36
C ASN B 8 -23.23 24.78 17.87
N SER B 9 -22.69 23.99 16.96
CA SER B 9 -21.37 24.23 16.40
C SER B 9 -21.39 25.00 15.07
N THR B 10 -20.69 26.13 15.02
CA THR B 10 -20.64 26.94 13.80
C THR B 10 -19.22 27.29 13.37
N ILE B 11 -18.84 26.83 12.18
CA ILE B 11 -17.52 27.14 11.65
C ILE B 11 -17.64 28.09 10.45
N THR B 12 -16.67 29.01 10.31
CA THR B 12 -16.63 29.94 9.19
C THR B 12 -15.72 29.28 8.15
N THR B 13 -16.22 29.17 6.92
CA THR B 13 -15.44 28.54 5.87
C THR B 13 -15.78 29.13 4.48
N GLN B 14 -14.95 28.80 3.49
CA GLN B 14 -15.13 29.31 2.12
C GLN B 14 -16.15 28.50 1.31
N GLU B 15 -17.08 29.20 0.66
CA GLU B 15 -18.16 28.60 -0.15
C GLU B 15 -18.08 27.10 -0.40
N ALA B 16 -17.07 26.64 -1.15
CA ALA B 16 -16.92 25.21 -1.41
C ALA B 16 -15.77 24.85 -2.36
N ALA B 17 -14.58 24.61 -1.81
CA ALA B 17 -13.44 24.20 -2.64
C ALA B 17 -13.86 22.84 -3.19
N ASN B 18 -12.89 22.00 -3.56
CA ASN B 18 -13.26 20.69 -4.07
C ASN B 18 -13.18 19.70 -2.91
N ILE B 19 -14.28 19.00 -2.64
CA ILE B 19 -14.24 18.01 -1.59
C ILE B 19 -13.81 16.70 -2.26
N ILE B 20 -13.26 15.82 -1.46
CA ILE B 20 -12.80 14.53 -1.95
C ILE B 20 -13.65 13.49 -1.26
N VAL B 21 -14.32 12.65 -2.04
CA VAL B 21 -15.11 11.60 -1.46
C VAL B 21 -14.32 10.29 -1.57
N GLY B 22 -13.74 9.90 -0.44
CA GLY B 22 -12.93 8.70 -0.42
C GLY B 22 -13.54 7.53 -1.17
N TYR B 23 -12.85 7.06 -2.21
CA TYR B 23 -13.29 5.92 -3.00
C TYR B 23 -14.65 6.10 -3.67
N GLY B 24 -15.00 7.36 -3.94
CA GLY B 24 -16.26 7.70 -4.59
C GLY B 24 -17.52 7.27 -3.86
N GLU B 25 -17.38 7.00 -2.57
CA GLU B 25 -18.53 6.56 -1.78
C GLU B 25 -18.89 7.41 -0.60
N TRP B 26 -20.15 7.79 -0.56
CA TRP B 26 -20.66 8.59 0.54
C TRP B 26 -20.96 7.73 1.75
N PRO B 27 -20.65 8.26 2.94
CA PRO B 27 -20.95 7.45 4.12
C PRO B 27 -22.46 7.22 4.23
N SER B 28 -22.86 5.95 4.28
CA SER B 28 -24.27 5.58 4.41
C SER B 28 -24.48 4.74 5.66
N TYR B 29 -25.75 4.41 5.90
CA TYR B 29 -26.13 3.60 7.05
C TYR B 29 -26.05 2.10 6.74
N CYS B 30 -26.54 1.26 7.66
CA CYS B 30 -26.57 -0.19 7.50
C CYS B 30 -28.01 -0.66 7.70
N SER B 31 -28.62 -1.20 6.65
CA SER B 31 -30.02 -1.65 6.66
C SER B 31 -30.43 -2.87 7.52
N ASP B 32 -31.71 -2.88 7.91
CA ASP B 32 -32.38 -3.88 8.76
C ASP B 32 -32.00 -5.36 8.63
N SER B 33 -31.89 -5.84 7.40
CA SER B 33 -31.51 -7.24 7.18
C SER B 33 -30.01 -7.38 7.37
N ASP B 34 -29.56 -7.21 8.61
CA ASP B 34 -28.15 -7.30 8.95
C ASP B 34 -27.96 -8.32 10.08
N ALA B 35 -26.71 -8.56 10.46
CA ALA B 35 -26.40 -9.52 11.52
C ALA B 35 -27.11 -9.18 12.84
N THR B 36 -27.09 -7.92 13.26
CA THR B 36 -27.76 -7.53 14.50
C THR B 36 -29.02 -6.70 14.18
N ALA B 37 -30.12 -7.39 13.95
CA ALA B 37 -31.41 -6.78 13.63
C ALA B 37 -32.33 -6.91 14.84
N VAL B 38 -31.84 -7.62 15.84
CA VAL B 38 -32.57 -7.85 17.09
C VAL B 38 -32.29 -6.65 17.99
N ASP B 39 -31.01 -6.30 18.07
CA ASP B 39 -30.54 -5.17 18.86
C ASP B 39 -30.41 -3.98 17.91
N LYS B 40 -31.55 -3.38 17.60
CA LYS B 40 -31.64 -2.23 16.70
C LYS B 40 -30.55 -1.19 17.02
N PRO B 41 -29.62 -0.96 16.07
CA PRO B 41 -28.52 0.01 16.27
C PRO B 41 -28.95 1.47 16.18
N THR B 42 -29.05 2.14 17.32
CA THR B 42 -29.46 3.55 17.34
C THR B 42 -28.48 4.43 16.56
N ARG B 43 -29.05 5.26 15.68
CA ARG B 43 -28.28 6.17 14.82
C ARG B 43 -28.35 7.61 15.32
N PRO B 44 -27.39 8.01 16.17
CA PRO B 44 -27.30 9.35 16.76
C PRO B 44 -27.45 10.46 15.70
N ASP B 45 -28.24 11.47 16.04
CA ASP B 45 -28.45 12.60 15.13
C ASP B 45 -28.13 13.86 15.92
N VAL B 46 -29.09 14.37 16.67
CA VAL B 46 -28.89 15.57 17.49
C VAL B 46 -27.47 16.15 17.56
N SER B 47 -26.88 16.04 18.74
CA SER B 47 -25.55 16.56 19.02
C SER B 47 -24.40 15.70 18.56
N VAL B 48 -24.56 14.38 18.64
CA VAL B 48 -23.49 13.48 18.24
C VAL B 48 -22.87 13.81 16.88
N ASN B 49 -23.71 14.08 15.87
CA ASN B 49 -23.24 14.43 14.52
C ASN B 49 -23.14 15.96 14.35
N ARG B 50 -21.97 16.52 14.67
CA ARG B 50 -21.71 17.96 14.57
C ARG B 50 -20.22 18.27 14.44
N PHE B 51 -19.89 19.55 14.38
CA PHE B 51 -18.52 20.00 14.23
C PHE B 51 -17.60 19.95 15.44
N TYR B 52 -16.61 19.07 15.40
CA TYR B 52 -15.62 18.97 16.47
C TYR B 52 -14.35 19.58 15.93
N THR B 53 -13.87 20.63 16.57
CA THR B 53 -12.67 21.30 16.13
C THR B 53 -11.56 21.01 17.15
N LEU B 54 -10.56 20.23 16.75
CA LEU B 54 -9.46 19.84 17.63
C LEU B 54 -8.34 20.87 17.80
N ASP B 55 -7.57 20.70 18.87
CA ASP B 55 -6.45 21.57 19.17
C ASP B 55 -5.59 21.74 17.94
N THR B 56 -5.44 22.99 17.54
CA THR B 56 -4.64 23.38 16.40
C THR B 56 -3.17 22.95 16.56
N LYS B 57 -2.56 22.45 15.48
CA LYS B 57 -1.17 22.04 15.48
C LYS B 57 -0.39 23.18 14.88
N LEU B 58 0.86 23.36 15.30
CA LEU B 58 1.68 24.43 14.78
C LEU B 58 2.71 23.91 13.81
N TRP B 59 2.58 24.33 12.56
CA TRP B 59 3.48 23.91 11.50
C TRP B 59 4.76 24.73 11.56
N GLU B 60 5.89 24.03 11.63
CA GLU B 60 7.20 24.66 11.69
C GLU B 60 8.09 24.22 10.57
N LYS B 61 9.18 24.95 10.39
CA LYS B 61 10.11 24.58 9.35
C LYS B 61 10.56 23.14 9.62
N SER B 62 10.77 22.82 10.89
CA SER B 62 11.25 21.49 11.31
C SER B 62 10.22 20.36 11.35
N SER B 63 8.95 20.72 11.33
CA SER B 63 7.85 19.75 11.42
C SER B 63 7.95 18.60 10.43
N LYS B 64 7.84 17.37 10.94
CA LYS B 64 7.93 16.18 10.10
C LYS B 64 6.55 15.72 9.61
N GLY B 65 5.52 15.99 10.39
CA GLY B 65 4.19 15.58 10.01
C GLY B 65 3.41 15.04 11.19
N TRP B 66 2.09 15.00 11.04
CA TRP B 66 1.19 14.52 12.08
C TRP B 66 0.20 13.51 11.53
N TYR B 67 -0.37 12.71 12.43
CA TYR B 67 -1.40 11.75 12.05
C TYR B 67 -2.36 11.55 13.21
N TRP B 68 -3.61 11.23 12.90
CA TRP B 68 -4.61 10.98 13.93
C TRP B 68 -5.28 9.68 13.57
N LYS B 69 -5.79 8.99 14.58
CA LYS B 69 -6.48 7.73 14.32
C LYS B 69 -7.97 7.89 14.58
N PHE B 70 -8.77 7.30 13.70
CA PHE B 70 -10.21 7.34 13.83
C PHE B 70 -10.68 5.92 14.08
N PRO B 71 -11.70 5.75 14.92
CA PRO B 71 -12.45 6.79 15.65
C PRO B 71 -11.75 7.27 16.91
N ASP B 72 -10.61 6.68 17.24
CA ASP B 72 -9.87 7.06 18.44
C ASP B 72 -9.85 8.58 18.73
N VAL B 73 -9.57 9.39 17.71
CA VAL B 73 -9.49 10.85 17.88
C VAL B 73 -10.66 11.50 18.65
N LEU B 74 -11.85 10.93 18.56
CA LEU B 74 -13.00 11.51 19.26
C LEU B 74 -13.50 10.72 20.45
N THR B 75 -13.05 9.47 20.61
CA THR B 75 -13.51 8.63 21.71
C THR B 75 -13.33 9.26 23.08
N GLU B 76 -12.57 10.35 23.16
CA GLU B 76 -12.36 11.02 24.43
C GLU B 76 -13.21 12.28 24.39
N THR B 77 -13.37 12.79 23.18
CA THR B 77 -14.10 14.02 22.95
C THR B 77 -15.62 14.00 23.00
N GLY B 78 -16.12 14.67 24.01
CA GLY B 78 -17.55 14.83 24.19
C GLY B 78 -18.50 13.69 23.98
N VAL B 79 -19.72 14.10 23.62
CA VAL B 79 -20.85 13.20 23.41
C VAL B 79 -20.70 12.13 22.34
N PHE B 80 -19.65 12.22 21.52
CA PHE B 80 -19.44 11.17 20.53
C PHE B 80 -18.67 10.11 21.31
N GLY B 81 -17.65 10.58 22.07
CA GLY B 81 -16.83 9.70 22.88
C GLY B 81 -17.67 9.01 23.92
N GLN B 82 -18.78 9.65 24.24
CA GLN B 82 -19.74 9.12 25.18
C GLN B 82 -20.19 7.79 24.58
N ASN B 83 -20.83 7.86 23.42
CA ASN B 83 -21.32 6.68 22.71
C ASN B 83 -20.22 5.69 22.35
N ALA B 84 -19.08 6.20 21.90
CA ALA B 84 -17.96 5.35 21.50
C ALA B 84 -17.50 4.37 22.57
N GLN B 85 -17.62 4.76 23.84
CA GLN B 85 -17.18 3.90 24.92
C GLN B 85 -18.20 2.96 25.51
N PHE B 86 -19.39 3.48 25.78
CA PHE B 86 -20.44 2.67 26.39
C PHE B 86 -21.35 1.93 25.42
N HIS B 87 -20.83 1.71 24.21
CA HIS B 87 -21.55 0.95 23.18
C HIS B 87 -20.60 -0.14 22.66
N TYR B 88 -21.15 -1.36 22.59
CA TYR B 88 -20.45 -2.55 22.14
C TYR B 88 -19.95 -2.52 20.67
N LEU B 89 -20.80 -2.06 19.75
CA LEU B 89 -20.46 -1.98 18.32
C LEU B 89 -20.62 -0.58 17.71
N TYR B 90 -19.78 -0.26 16.73
CA TYR B 90 -19.82 1.04 16.06
C TYR B 90 -19.39 1.02 14.59
N ARG B 91 -19.98 1.93 13.82
CA ARG B 91 -19.69 2.11 12.40
C ARG B 91 -19.97 3.59 12.17
N SER B 92 -19.24 4.22 11.26
CA SER B 92 -19.45 5.64 11.00
C SER B 92 -18.55 6.19 9.90
N GLY B 93 -19.01 7.28 9.30
CA GLY B 93 -18.24 7.94 8.26
C GLY B 93 -17.75 9.27 8.82
N PHE B 94 -17.01 10.05 8.04
CA PHE B 94 -16.50 11.31 8.55
C PHE B 94 -16.28 12.37 7.50
N CYS B 95 -16.49 13.63 7.89
CA CYS B 95 -16.20 14.75 7.02
C CYS B 95 -14.94 15.27 7.73
N ILE B 96 -13.82 15.38 7.01
CA ILE B 96 -12.61 15.91 7.62
C ILE B 96 -12.24 17.16 6.87
N HIS B 97 -12.01 18.22 7.63
CA HIS B 97 -11.69 19.52 7.08
C HIS B 97 -10.41 20.06 7.74
N VAL B 98 -9.32 20.04 6.98
CA VAL B 98 -8.03 20.51 7.47
C VAL B 98 -7.78 21.91 6.89
N GLN B 99 -7.63 22.92 7.77
CA GLN B 99 -7.42 24.32 7.34
C GLN B 99 -6.17 25.01 7.90
N CYS B 100 -5.55 25.86 7.08
CA CYS B 100 -4.36 26.63 7.46
C CYS B 100 -4.70 28.10 7.45
N ASN B 101 -3.87 28.88 8.12
CA ASN B 101 -4.03 30.32 8.15
C ASN B 101 -2.60 30.81 7.99
N ALA B 102 -2.32 31.40 6.83
CA ALA B 102 -0.98 31.88 6.59
C ALA B 102 -1.06 33.06 5.66
N SER B 103 -0.05 33.91 5.68
CA SER B 103 -0.02 35.10 4.83
C SER B 103 0.43 34.74 3.44
N LYS B 104 0.27 35.69 2.53
CA LYS B 104 0.68 35.48 1.14
C LYS B 104 2.21 35.51 1.06
N PHE B 105 2.88 35.65 2.21
CA PHE B 105 4.33 35.67 2.24
C PHE B 105 4.91 34.43 2.87
N HIS B 106 4.03 33.50 3.24
CA HIS B 106 4.44 32.23 3.79
C HIS B 106 4.40 31.28 2.61
N GLN B 107 5.03 30.12 2.74
CA GLN B 107 5.02 29.17 1.64
C GLN B 107 5.21 27.77 2.16
N GLY B 108 4.66 26.82 1.42
CA GLY B 108 4.75 25.43 1.81
C GLY B 108 3.60 24.65 1.22
N ALA B 109 3.66 23.33 1.40
CA ALA B 109 2.63 22.45 0.90
C ALA B 109 2.50 21.20 1.75
N LEU B 110 1.28 20.95 2.20
CA LEU B 110 0.94 19.78 3.02
C LEU B 110 0.20 18.75 2.16
N LEU B 111 0.43 17.46 2.43
CA LEU B 111 -0.30 16.41 1.72
C LEU B 111 -1.23 15.87 2.79
N VAL B 112 -2.54 15.90 2.53
CA VAL B 112 -3.51 15.40 3.48
C VAL B 112 -4.15 14.15 2.91
N ALA B 113 -3.97 13.04 3.59
CA ALA B 113 -4.51 11.77 3.12
C ALA B 113 -5.17 10.91 4.20
N VAL B 114 -5.99 9.96 3.77
CA VAL B 114 -6.67 9.06 4.69
C VAL B 114 -6.22 7.64 4.34
N LEU B 115 -5.65 6.94 5.32
CA LEU B 115 -5.17 5.59 5.09
C LEU B 115 -5.84 4.62 6.02
N PRO B 116 -6.69 3.75 5.46
CA PRO B 116 -7.40 2.76 6.26
C PRO B 116 -6.37 1.81 6.83
N GLU B 117 -6.64 1.29 8.02
CA GLU B 117 -5.74 0.34 8.69
C GLU B 117 -4.28 0.82 8.67
N TYR B 118 -4.05 2.01 9.24
CA TYR B 118 -2.72 2.60 9.31
C TYR B 118 -1.96 1.98 10.47
N VAL B 119 -1.42 0.79 10.26
CA VAL B 119 -0.66 0.11 11.29
C VAL B 119 0.71 0.74 11.38
N ILE B 120 1.08 1.17 12.59
CA ILE B 120 2.39 1.80 12.82
C ILE B 120 3.46 0.76 13.12
N GLY B 121 4.69 1.04 12.71
CA GLY B 121 5.78 0.12 12.97
C GLY B 121 6.86 0.80 13.78
N THR B 122 7.72 0.02 14.43
CA THR B 122 8.80 0.62 15.21
C THR B 122 10.12 0.47 14.45
N VAL B 123 11.13 1.22 14.90
CA VAL B 123 12.46 1.20 14.31
C VAL B 123 13.12 -0.17 14.55
N ALA B 124 12.52 -0.96 15.46
CA ALA B 124 13.04 -2.28 15.78
C ALA B 124 14.46 -2.22 16.34
N GLY B 125 14.68 -1.37 17.33
CA GLY B 125 15.98 -1.21 17.97
C GLY B 125 17.13 -0.70 17.11
N GLY B 126 16.80 -0.09 15.98
CA GLY B 126 17.84 0.43 15.08
C GLY B 126 18.46 -0.61 14.16
N THR B 127 19.04 -1.65 14.75
CA THR B 127 19.68 -2.72 13.98
C THR B 127 18.62 -3.62 13.35
N GLY B 128 17.38 -3.47 13.79
CA GLY B 128 16.27 -4.25 13.27
C GLY B 128 16.22 -5.67 13.78
N THR B 129 16.92 -5.92 14.89
CA THR B 129 16.96 -7.25 15.47
C THR B 129 16.01 -7.35 16.67
N GLU B 130 15.50 -6.20 17.09
CA GLU B 130 14.57 -6.09 18.22
C GLU B 130 13.12 -6.09 17.73
N ASP B 131 12.32 -7.08 18.13
CA ASP B 131 10.91 -7.11 17.70
C ASP B 131 10.05 -6.23 18.61
N THR B 132 10.43 -4.95 18.72
CA THR B 132 9.72 -3.97 19.54
C THR B 132 8.36 -3.67 18.92
N HIS B 133 7.42 -3.20 19.74
CA HIS B 133 6.10 -2.88 19.24
C HIS B 133 5.68 -1.49 19.67
N PRO B 134 5.04 -0.73 18.76
CA PRO B 134 4.60 0.63 19.04
C PRO B 134 3.78 0.73 20.35
N PRO B 135 3.98 1.83 21.11
CA PRO B 135 3.28 2.09 22.38
C PRO B 135 1.80 2.39 22.13
N TYR B 136 1.01 2.47 23.18
CA TYR B 136 -0.39 2.78 23.01
C TYR B 136 -0.51 4.28 22.69
N LYS B 137 0.46 5.06 23.17
CA LYS B 137 0.47 6.51 22.95
C LYS B 137 0.73 6.84 21.46
N GLN B 138 1.36 5.90 20.76
CA GLN B 138 1.71 6.05 19.36
C GLN B 138 0.63 5.45 18.48
N THR B 139 0.12 4.30 18.91
CA THR B 139 -0.92 3.59 18.19
C THR B 139 -2.28 4.28 18.19
N GLN B 140 -2.64 4.84 19.34
CA GLN B 140 -3.92 5.54 19.53
C GLN B 140 -3.69 6.81 20.37
N PRO B 141 -3.10 7.84 19.74
CA PRO B 141 -2.70 9.19 20.21
C PRO B 141 -3.74 10.22 20.67
N GLY B 142 -5.02 9.87 20.60
CA GLY B 142 -6.04 10.81 21.04
C GLY B 142 -6.29 11.97 20.09
N ALA B 143 -6.82 13.06 20.64
CA ALA B 143 -7.14 14.23 19.84
C ALA B 143 -5.96 15.14 19.57
N ASP B 144 -4.85 14.85 20.19
CA ASP B 144 -3.69 15.67 19.97
C ASP B 144 -2.94 15.14 18.78
N GLY B 145 -3.32 13.95 18.37
CA GLY B 145 -2.64 13.33 17.23
C GLY B 145 -1.22 12.97 17.64
N PHE B 146 -0.41 12.56 16.67
CA PHE B 146 0.95 12.17 16.96
C PHE B 146 1.89 12.63 15.83
N GLU B 147 3.16 12.89 16.15
CA GLU B 147 4.11 13.33 15.14
C GLU B 147 4.93 12.22 14.56
N LEU B 148 5.03 12.22 13.25
CA LEU B 148 5.80 11.22 12.55
C LEU B 148 7.29 11.37 12.88
N GLN B 149 7.98 10.25 13.03
CA GLN B 149 9.40 10.31 13.32
C GLN B 149 10.18 10.07 12.04
N HIS B 150 9.61 9.31 11.13
CA HIS B 150 10.25 9.02 9.84
C HIS B 150 9.24 9.08 8.69
N PRO B 151 8.76 10.29 8.36
CA PRO B 151 7.79 10.47 7.29
C PRO B 151 8.07 9.75 5.97
N TYR B 152 9.31 9.76 5.52
CA TYR B 152 9.62 9.11 4.26
C TYR B 152 9.04 7.72 4.14
N VAL B 153 8.97 6.99 5.25
CA VAL B 153 8.42 5.63 5.24
C VAL B 153 7.15 5.52 6.09
N LEU B 154 6.53 6.67 6.31
CA LEU B 154 5.30 6.79 7.08
C LEU B 154 5.34 6.00 8.38
N ASP B 155 6.51 5.99 9.02
CA ASP B 155 6.69 5.27 10.26
C ASP B 155 6.14 3.87 10.12
N ALA B 156 6.23 3.31 8.91
CA ALA B 156 5.73 1.96 8.71
C ALA B 156 6.29 1.25 7.49
N GLY B 157 7.49 1.65 7.06
CA GLY B 157 8.15 0.99 5.94
C GLY B 157 7.54 1.12 4.57
N ILE B 158 6.70 2.13 4.39
CA ILE B 158 6.07 2.36 3.09
C ILE B 158 6.34 3.78 2.62
N PRO B 159 6.58 3.96 1.30
CA PRO B 159 6.88 5.24 0.64
C PRO B 159 5.78 6.30 0.69
N ILE B 160 6.04 7.44 1.32
CA ILE B 160 5.03 8.46 1.38
C ILE B 160 4.86 9.03 -0.02
N SER B 161 5.83 8.80 -0.91
CA SER B 161 5.75 9.30 -2.27
C SER B 161 4.56 8.68 -2.99
N GLN B 162 4.08 7.56 -2.45
CA GLN B 162 2.97 6.85 -3.02
C GLN B 162 1.68 7.00 -2.19
N LEU B 163 1.73 7.83 -1.17
CA LEU B 163 0.55 8.02 -0.31
C LEU B 163 -0.63 8.57 -1.10
N THR B 164 -0.36 9.17 -2.26
CA THR B 164 -1.43 9.74 -3.06
C THR B 164 -2.37 8.70 -3.65
N VAL B 165 -2.03 7.42 -3.45
CA VAL B 165 -2.88 6.33 -3.94
C VAL B 165 -4.12 6.24 -3.02
N CYS B 166 -4.07 6.96 -1.90
CA CYS B 166 -5.15 7.03 -0.92
C CYS B 166 -5.92 8.32 -1.07
N PRO B 167 -7.18 8.35 -0.57
CA PRO B 167 -8.00 9.55 -0.66
C PRO B 167 -7.14 10.66 -0.08
N HIS B 168 -6.89 11.69 -0.88
CA HIS B 168 -6.04 12.77 -0.42
C HIS B 168 -6.32 14.10 -1.09
N GLN B 169 -5.67 15.12 -0.55
CA GLN B 169 -5.78 16.45 -1.08
C GLN B 169 -4.56 17.25 -0.66
N TRP B 170 -4.15 18.18 -1.51
CA TRP B 170 -2.99 19.02 -1.24
C TRP B 170 -3.38 20.39 -0.70
N ILE B 171 -2.57 20.91 0.22
CA ILE B 171 -2.78 22.25 0.75
C ILE B 171 -1.49 22.97 0.40
N ASN B 172 -1.52 23.71 -0.69
CA ASN B 172 -0.37 24.44 -1.16
C ASN B 172 -0.67 25.88 -0.79
N LEU B 173 0.03 26.39 0.21
CA LEU B 173 -0.23 27.74 0.68
C LEU B 173 -0.41 28.83 -0.39
N ARG B 174 0.30 28.75 -1.49
CA ARG B 174 0.14 29.81 -2.49
C ARG B 174 -1.14 29.70 -3.30
N THR B 175 -1.88 28.60 -3.12
CA THR B 175 -3.13 28.42 -3.85
C THR B 175 -4.34 28.09 -3.01
N ASN B 176 -4.15 27.42 -1.88
CA ASN B 176 -5.30 27.10 -1.02
C ASN B 176 -4.82 26.90 0.40
N ASN B 177 -5.75 26.98 1.33
CA ASN B 177 -5.41 26.85 2.74
C ASN B 177 -6.24 25.75 3.39
N CYS B 178 -7.12 25.12 2.65
CA CYS B 178 -7.95 24.07 3.23
C CYS B 178 -8.15 22.88 2.31
N ALA B 179 -8.35 21.72 2.92
CA ALA B 179 -8.59 20.46 2.22
C ALA B 179 -9.77 19.79 2.92
N THR B 180 -10.61 19.12 2.14
CA THR B 180 -11.76 18.45 2.72
C THR B 180 -11.91 17.05 2.17
N ILE B 181 -12.03 16.10 3.08
CA ILE B 181 -12.16 14.71 2.68
C ILE B 181 -13.30 13.97 3.39
N ILE B 182 -14.11 13.28 2.60
CA ILE B 182 -15.24 12.50 3.10
C ILE B 182 -14.84 11.03 3.10
N VAL B 183 -14.88 10.43 4.28
CA VAL B 183 -14.51 9.03 4.41
C VAL B 183 -15.69 8.14 4.73
N PRO B 184 -15.91 7.11 3.91
CA PRO B 184 -17.02 6.20 4.17
C PRO B 184 -16.52 5.15 5.17
N TYR B 185 -17.42 4.42 5.82
CA TYR B 185 -16.98 3.39 6.76
C TYR B 185 -16.27 2.28 5.99
N ILE B 186 -14.98 2.08 6.28
CA ILE B 186 -14.22 1.05 5.56
C ILE B 186 -13.65 -0.04 6.49
N ASN B 187 -14.23 -1.24 6.38
CA ASN B 187 -13.81 -2.37 7.19
C ASN B 187 -14.33 -3.69 6.63
N ALA B 188 -13.75 -4.83 7.06
CA ALA B 188 -14.15 -6.16 6.57
C ALA B 188 -15.37 -6.74 7.29
N LEU B 189 -15.96 -5.93 8.16
CA LEU B 189 -17.15 -6.27 8.93
C LEU B 189 -18.03 -5.02 8.95
N PRO B 190 -19.35 -5.23 9.05
CA PRO B 190 -20.32 -4.13 9.08
C PRO B 190 -20.22 -3.24 10.35
N PHE B 191 -19.88 -3.85 11.47
CA PHE B 191 -19.74 -3.15 12.76
C PHE B 191 -18.46 -3.66 13.43
N ASP B 192 -17.87 -2.85 14.30
CA ASP B 192 -16.65 -3.25 14.99
C ASP B 192 -16.47 -2.43 16.26
N SER B 193 -15.48 -2.81 17.07
CA SER B 193 -15.16 -2.15 18.33
C SER B 193 -14.56 -0.75 18.17
N ALA B 194 -15.24 0.25 18.70
CA ALA B 194 -14.79 1.63 18.60
C ALA B 194 -13.47 1.93 19.34
N LEU B 195 -13.21 1.21 20.42
CA LEU B 195 -12.00 1.46 21.21
C LEU B 195 -10.82 0.58 20.87
N ASN B 196 -11.07 -0.59 20.30
CA ASN B 196 -9.98 -1.48 19.98
C ASN B 196 -9.45 -1.41 18.55
N HIS B 197 -10.33 -1.10 17.61
CA HIS B 197 -9.92 -1.03 16.21
C HIS B 197 -10.06 0.38 15.62
N CYS B 198 -8.95 0.91 15.10
CA CYS B 198 -8.95 2.23 14.43
C CYS B 198 -9.04 1.96 12.92
N ASN B 199 -10.23 2.20 12.38
CA ASN B 199 -10.49 1.94 10.97
C ASN B 199 -9.60 2.66 9.98
N PHE B 200 -9.09 3.83 10.35
CA PHE B 200 -8.20 4.56 9.46
C PHE B 200 -7.43 5.69 10.12
N GLY B 201 -6.39 6.14 9.42
CA GLY B 201 -5.58 7.23 9.91
C GLY B 201 -5.66 8.45 9.01
N LEU B 202 -5.49 9.60 9.65
CA LEU B 202 -5.49 10.88 8.96
C LEU B 202 -4.06 11.37 9.01
N LEU B 203 -3.46 11.47 7.84
CA LEU B 203 -2.09 11.91 7.71
C LEU B 203 -2.04 13.31 7.10
N VAL B 204 -1.25 14.20 7.69
CA VAL B 204 -1.03 15.53 7.11
C VAL B 204 0.47 15.78 7.28
N VAL B 205 1.17 15.73 6.15
CA VAL B 205 2.61 15.87 6.09
C VAL B 205 3.11 16.95 5.14
N PRO B 206 4.12 17.70 5.57
CA PRO B 206 4.68 18.76 4.73
C PRO B 206 5.60 18.09 3.71
N ILE B 207 5.33 18.32 2.43
CA ILE B 207 6.16 17.77 1.37
C ILE B 207 7.11 18.88 0.89
N SER B 208 6.56 20.10 0.83
CA SER B 208 7.34 21.29 0.50
C SER B 208 7.27 22.00 1.85
N PRO B 209 8.39 22.03 2.56
CA PRO B 209 8.57 22.63 3.88
C PRO B 209 8.14 24.07 4.06
N LEU B 210 7.65 24.34 5.28
CA LEU B 210 7.22 25.68 5.61
C LEU B 210 8.38 26.64 5.48
N ASP B 211 8.09 27.82 4.95
CA ASP B 211 9.13 28.82 4.81
C ASP B 211 8.50 30.20 4.77
N TYR B 212 9.27 31.18 5.23
CA TYR B 212 8.87 32.58 5.32
C TYR B 212 10.14 33.33 5.69
N ASP B 213 10.10 34.65 5.59
CA ASP B 213 11.28 35.45 5.94
C ASP B 213 11.24 35.88 7.42
N GLN B 214 12.40 36.23 7.98
CA GLN B 214 12.47 36.64 9.37
C GLN B 214 11.56 37.79 9.72
N GLY B 215 10.64 37.56 10.64
CA GLY B 215 9.73 38.61 11.03
C GLY B 215 8.29 38.21 10.80
N ALA B 216 8.09 37.19 9.98
CA ALA B 216 6.74 36.72 9.70
C ALA B 216 6.44 35.68 10.78
N THR B 217 5.18 35.56 11.18
CA THR B 217 4.82 34.57 12.19
C THR B 217 5.49 33.26 11.76
N PRO B 218 6.38 32.72 12.59
CA PRO B 218 7.16 31.50 12.38
C PRO B 218 6.45 30.16 12.49
N VAL B 219 5.24 30.14 13.03
CA VAL B 219 4.49 28.89 13.13
C VAL B 219 3.10 29.08 12.53
N ILE B 220 2.76 28.23 11.56
CA ILE B 220 1.48 28.29 10.90
C ILE B 220 0.54 27.25 11.47
N PRO B 221 -0.69 27.69 11.79
CA PRO B 221 -1.72 26.82 12.35
C PRO B 221 -2.51 25.92 11.42
N ILE B 222 -2.41 24.62 11.69
CA ILE B 222 -3.15 23.59 10.97
C ILE B 222 -4.28 23.23 11.94
N THR B 223 -5.52 23.52 11.53
CA THR B 223 -6.70 23.29 12.36
C THR B 223 -7.60 22.20 11.79
N ILE B 224 -7.73 21.10 12.52
CA ILE B 224 -8.58 20.02 12.05
C ILE B 224 -9.96 20.11 12.65
N THR B 225 -10.95 20.18 11.78
CA THR B 225 -12.36 20.21 12.19
C THR B 225 -12.92 18.95 11.54
N LEU B 226 -13.72 18.18 12.28
CA LEU B 226 -14.28 16.96 11.72
C LEU B 226 -15.67 16.66 12.26
N ALA B 227 -16.51 16.10 11.39
CA ALA B 227 -17.88 15.79 11.73
C ALA B 227 -18.26 14.37 11.30
N PRO B 228 -18.84 13.59 12.24
CA PRO B 228 -19.26 12.22 11.95
C PRO B 228 -20.44 12.21 11.01
N MET B 229 -20.49 11.21 10.14
CA MET B 229 -21.57 11.11 9.18
C MET B 229 -22.14 9.72 9.20
N CYS B 230 -23.45 9.61 9.43
CA CYS B 230 -24.12 8.32 9.44
C CYS B 230 -23.52 7.31 10.43
N SER B 231 -23.30 7.79 11.65
CA SER B 231 -22.75 6.97 12.73
C SER B 231 -23.84 6.11 13.34
N GLU B 232 -23.47 4.91 13.76
CA GLU B 232 -24.40 3.96 14.39
C GLU B 232 -23.70 3.29 15.56
N PHE B 233 -24.44 3.01 16.62
CA PHE B 233 -23.91 2.36 17.81
C PHE B 233 -24.86 1.23 18.21
N ALA B 234 -24.32 0.18 18.83
CA ALA B 234 -25.13 -0.97 19.23
C ALA B 234 -24.66 -1.59 20.55
N GLY B 235 -25.60 -2.10 21.35
CA GLY B 235 -25.27 -2.73 22.62
C GLY B 235 -24.74 -1.79 23.69
N LEU B 236 -25.66 -1.10 24.37
CA LEU B 236 -25.34 -0.12 25.43
C LEU B 236 -24.80 -0.75 26.74
N ARG B 237 -23.84 -0.08 27.39
CA ARG B 237 -23.26 -0.62 28.65
C ARG B 237 -22.99 0.38 29.77
N GLY C 1 -15.56 -50.67 -21.15
CA GLY C 1 -15.72 -49.22 -20.80
C GLY C 1 -15.65 -48.31 -22.00
N PHE C 2 -15.20 -47.08 -21.79
CA PHE C 2 -15.08 -46.09 -22.86
C PHE C 2 -13.58 -46.01 -23.23
N PRO C 3 -13.25 -46.24 -24.52
CA PRO C 3 -11.88 -46.22 -25.07
C PRO C 3 -11.19 -44.88 -24.97
N THR C 4 -9.99 -44.93 -24.38
CA THR C 4 -9.20 -43.75 -24.14
C THR C 4 -7.73 -44.02 -24.43
N GLU C 5 -6.95 -42.96 -24.71
CA GLU C 5 -5.51 -43.08 -24.91
C GLU C 5 -4.88 -41.91 -24.17
N LEU C 6 -4.03 -42.19 -23.20
CA LEU C 6 -3.38 -41.12 -22.46
C LEU C 6 -2.34 -40.47 -23.37
N LYS C 7 -2.32 -39.15 -23.40
CA LYS C 7 -1.41 -38.42 -24.26
C LYS C 7 -0.26 -37.78 -23.46
N PRO C 8 0.86 -37.49 -24.14
CA PRO C 8 1.97 -36.87 -23.44
C PRO C 8 1.52 -35.62 -22.69
N GLY C 9 2.00 -35.52 -21.47
CA GLY C 9 1.63 -34.42 -20.61
C GLY C 9 0.86 -35.07 -19.48
N THR C 10 0.44 -36.31 -19.70
CA THR C 10 -0.29 -37.03 -18.66
C THR C 10 0.57 -37.04 -17.41
N ASN C 11 -0.09 -36.86 -16.27
CA ASN C 11 0.56 -36.84 -14.97
C ASN C 11 1.46 -35.69 -14.63
N GLN C 12 1.69 -34.74 -15.54
CA GLN C 12 2.60 -33.64 -15.21
C GLN C 12 1.93 -32.61 -14.34
N PHE C 13 2.74 -31.85 -13.62
CA PHE C 13 2.22 -30.78 -12.79
C PHE C 13 2.82 -29.48 -13.35
N LEU C 14 1.99 -28.67 -14.01
CA LEU C 14 2.45 -27.40 -14.57
C LEU C 14 1.99 -26.31 -13.62
N THR C 15 2.95 -25.64 -13.00
CA THR C 15 2.61 -24.59 -12.05
C THR C 15 1.63 -23.54 -12.55
N THR C 16 1.51 -23.39 -13.86
CA THR C 16 0.60 -22.39 -14.39
C THR C 16 -0.66 -22.97 -15.02
N ASP C 17 -0.90 -24.28 -14.84
CA ASP C 17 -2.10 -24.88 -15.38
C ASP C 17 -3.19 -24.42 -14.44
N ASP C 18 -4.27 -23.89 -14.99
CA ASP C 18 -5.35 -23.39 -14.17
C ASP C 18 -6.57 -24.27 -14.23
N GLY C 19 -6.33 -25.55 -13.96
CA GLY C 19 -7.42 -26.50 -13.97
C GLY C 19 -8.27 -26.45 -12.70
N VAL C 20 -9.04 -27.50 -12.46
CA VAL C 20 -9.88 -27.54 -11.27
C VAL C 20 -9.52 -28.74 -10.42
N SER C 21 -9.60 -28.55 -9.11
CA SER C 21 -9.26 -29.62 -8.20
C SER C 21 -10.32 -29.88 -7.15
N ALA C 22 -10.29 -31.08 -6.61
CA ALA C 22 -11.25 -31.49 -5.59
C ALA C 22 -11.29 -30.57 -4.39
N PRO C 23 -12.50 -30.20 -3.97
CA PRO C 23 -12.72 -29.31 -2.82
C PRO C 23 -12.56 -30.11 -1.52
N ILE C 24 -11.76 -29.57 -0.62
CA ILE C 24 -11.46 -30.19 0.66
C ILE C 24 -12.68 -30.23 1.58
N LEU C 25 -13.43 -29.13 1.64
CA LEU C 25 -14.62 -29.03 2.49
C LEU C 25 -15.80 -28.77 1.58
N PRO C 26 -16.40 -29.83 1.08
CA PRO C 26 -17.54 -29.63 0.18
C PRO C 26 -18.77 -29.00 0.77
N ASN C 27 -18.97 -29.12 2.06
CA ASN C 27 -20.18 -28.54 2.62
C ASN C 27 -19.99 -27.17 3.19
N PHE C 28 -18.75 -26.76 3.33
CA PHE C 28 -18.46 -25.46 3.91
C PHE C 28 -18.98 -24.31 3.08
N HIS C 29 -19.63 -23.37 3.74
CA HIS C 29 -20.15 -22.20 3.05
C HIS C 29 -19.44 -20.98 3.56
N PRO C 30 -18.47 -20.48 2.78
CA PRO C 30 -17.68 -19.30 3.14
C PRO C 30 -18.57 -18.12 3.50
N THR C 31 -18.18 -17.36 4.54
CA THR C 31 -18.96 -16.20 4.96
C THR C 31 -19.11 -15.37 3.68
N PRO C 32 -20.26 -14.72 3.49
CA PRO C 32 -20.46 -13.93 2.27
C PRO C 32 -19.69 -12.65 2.19
N CYS C 33 -19.38 -12.23 0.97
CA CYS C 33 -18.65 -10.99 0.80
C CYS C 33 -19.66 -9.89 0.96
N ILE C 34 -19.24 -8.78 1.55
CA ILE C 34 -20.08 -7.62 1.70
C ILE C 34 -19.37 -6.60 0.84
N HIS C 35 -19.92 -5.41 0.82
CA HIS C 35 -19.34 -4.39 0.01
C HIS C 35 -18.29 -3.63 0.77
N ILE C 36 -17.09 -3.59 0.19
CA ILE C 36 -16.00 -2.86 0.81
C ILE C 36 -15.69 -1.78 -0.20
N PRO C 37 -15.56 -0.55 0.27
CA PRO C 37 -15.26 0.51 -0.68
C PRO C 37 -13.87 0.31 -1.28
N GLY C 38 -13.61 0.98 -2.39
CA GLY C 38 -12.30 0.90 -2.99
C GLY C 38 -11.72 -0.38 -3.61
N GLU C 39 -12.58 -1.20 -4.20
CA GLU C 39 -12.07 -2.41 -4.84
C GLU C 39 -11.26 -2.04 -6.07
N VAL C 40 -10.18 -2.77 -6.29
CA VAL C 40 -9.36 -2.53 -7.46
C VAL C 40 -9.52 -3.80 -8.27
N ARG C 41 -9.61 -3.65 -9.59
CA ARG C 41 -9.81 -4.81 -10.44
C ARG C 41 -8.71 -5.00 -11.46
N ASN C 42 -7.99 -3.93 -11.76
CA ASN C 42 -6.90 -4.03 -12.71
C ASN C 42 -5.80 -3.06 -12.32
N LEU C 43 -4.58 -3.56 -12.16
CA LEU C 43 -3.46 -2.72 -11.76
C LEU C 43 -3.33 -1.45 -12.55
N LEU C 44 -3.76 -1.48 -13.80
CA LEU C 44 -3.67 -0.28 -14.61
C LEU C 44 -4.40 0.88 -13.96
N GLU C 45 -5.34 0.62 -13.05
CA GLU C 45 -6.04 1.72 -12.40
C GLU C 45 -5.01 2.46 -11.57
N LEU C 46 -4.22 1.72 -10.81
CA LEU C 46 -3.20 2.29 -9.94
C LEU C 46 -2.13 3.00 -10.75
N CYS C 47 -1.82 2.46 -11.92
CA CYS C 47 -0.81 3.06 -12.79
C CYS C 47 -1.16 4.46 -13.25
N GLN C 48 -2.45 4.74 -13.31
CA GLN C 48 -2.94 6.01 -13.76
C GLN C 48 -3.06 7.06 -12.67
N VAL C 49 -2.78 6.62 -11.44
CA VAL C 49 -2.81 7.50 -10.28
C VAL C 49 -1.45 8.17 -10.08
N GLU C 50 -1.44 9.49 -10.00
CA GLU C 50 -0.20 10.23 -9.83
C GLU C 50 0.37 10.02 -8.47
N THR C 51 1.68 9.83 -8.44
CA THR C 51 2.44 9.67 -7.21
C THR C 51 3.66 10.59 -7.37
N ILE C 52 4.37 10.87 -6.28
CA ILE C 52 5.52 11.76 -6.38
C ILE C 52 6.72 11.15 -7.08
N LEU C 53 7.24 11.90 -8.04
CA LEU C 53 8.40 11.50 -8.85
C LEU C 53 9.65 12.09 -8.22
N GLU C 54 10.53 11.26 -7.65
CA GLU C 54 11.73 11.79 -7.03
C GLU C 54 12.74 12.26 -8.07
N VAL C 55 12.43 13.35 -8.76
CA VAL C 55 13.32 13.91 -9.77
C VAL C 55 14.65 14.21 -9.10
N ASN C 56 14.55 14.64 -7.85
CA ASN C 56 15.70 14.98 -7.05
C ASN C 56 16.18 13.77 -6.27
N ASN C 57 16.49 12.68 -6.96
CA ASN C 57 16.96 11.49 -6.29
C ASN C 57 18.45 11.63 -6.02
N VAL C 58 18.84 12.64 -5.24
CA VAL C 58 20.26 12.79 -4.96
C VAL C 58 20.68 12.49 -3.52
N PRO C 59 20.14 13.22 -2.52
CA PRO C 59 20.53 12.97 -1.12
C PRO C 59 20.18 11.57 -0.65
N THR C 60 21.10 10.93 0.07
CA THR C 60 20.85 9.58 0.56
C THR C 60 20.85 9.58 2.08
N ASN C 61 21.39 10.66 2.64
CA ASN C 61 21.44 10.84 4.09
C ASN C 61 20.02 10.58 4.62
N ALA C 62 19.88 9.61 5.53
CA ALA C 62 18.57 9.25 6.07
C ALA C 62 17.64 10.39 6.42
N THR C 63 18.16 11.39 7.11
CA THR C 63 17.34 12.54 7.51
C THR C 63 17.06 13.56 6.40
N SER C 64 17.51 13.28 5.19
CA SER C 64 17.28 14.20 4.09
C SER C 64 16.44 13.53 3.03
N LEU C 65 16.06 12.28 3.27
CA LEU C 65 15.28 11.55 2.28
C LEU C 65 14.05 12.27 1.78
N MET C 66 13.41 13.01 2.67
CA MET C 66 12.22 13.75 2.32
C MET C 66 12.51 14.84 1.30
N GLU C 67 13.78 15.17 1.14
CA GLU C 67 14.15 16.21 0.21
C GLU C 67 14.07 15.71 -1.21
N ARG C 68 14.09 14.40 -1.40
CA ARG C 68 14.06 13.84 -2.76
C ARG C 68 12.71 14.06 -3.41
N LEU C 69 11.72 14.31 -2.57
CA LEU C 69 10.37 14.53 -3.04
C LEU C 69 10.17 15.91 -3.67
N ARG C 70 11.19 16.76 -3.64
CA ARG C 70 11.03 18.10 -4.21
C ARG C 70 12.35 18.72 -4.61
N PHE C 71 12.32 19.44 -5.72
CA PHE C 71 13.50 20.13 -6.18
C PHE C 71 13.24 21.62 -6.11
N PRO C 72 14.30 22.42 -5.94
CA PRO C 72 14.16 23.87 -5.83
C PRO C 72 14.44 24.73 -7.04
N VAL C 73 13.97 25.97 -6.94
CA VAL C 73 14.21 27.03 -7.93
C VAL C 73 14.56 28.21 -7.03
N SER C 74 15.55 29.00 -7.42
CA SER C 74 15.92 30.11 -6.57
C SER C 74 16.28 31.42 -7.26
N ALA C 75 16.32 32.47 -6.45
CA ALA C 75 16.66 33.77 -6.96
C ALA C 75 18.04 33.72 -7.58
N GLN C 76 18.99 33.12 -6.86
CA GLN C 76 20.39 32.97 -7.27
C GLN C 76 20.61 32.55 -8.71
N ALA C 77 19.80 31.62 -9.17
CA ALA C 77 19.86 31.14 -10.54
C ALA C 77 19.65 32.26 -11.56
N GLY C 78 20.35 32.18 -12.68
CA GLY C 78 20.21 33.20 -13.71
C GLY C 78 19.34 32.73 -14.86
N LYS C 79 18.73 33.68 -15.54
CA LYS C 79 17.88 33.34 -16.66
C LYS C 79 18.62 32.33 -17.55
N GLY C 80 17.92 31.34 -18.07
CA GLY C 80 18.55 30.38 -18.95
C GLY C 80 19.18 29.15 -18.34
N GLU C 81 19.54 29.20 -17.06
CA GLU C 81 20.16 28.04 -16.39
C GLU C 81 19.35 26.76 -16.47
N LEU C 82 20.01 25.60 -16.56
CA LEU C 82 19.27 24.34 -16.57
C LEU C 82 18.92 24.08 -15.11
N CYS C 83 17.65 23.82 -14.85
CA CYS C 83 17.20 23.60 -13.48
C CYS C 83 17.34 22.15 -13.05
N ALA C 84 16.71 21.26 -13.80
CA ALA C 84 16.74 19.84 -13.52
C ALA C 84 16.51 19.09 -14.81
N VAL C 85 16.78 17.79 -14.81
CA VAL C 85 16.57 16.99 -15.99
C VAL C 85 16.38 15.54 -15.57
N PHE C 86 15.52 14.83 -16.28
CA PHE C 86 15.28 13.42 -16.00
C PHE C 86 14.71 12.74 -17.24
N ARG C 87 14.82 11.42 -17.29
CA ARG C 87 14.30 10.72 -18.44
C ARG C 87 12.96 10.04 -18.14
N ALA C 88 12.19 9.78 -19.19
CA ALA C 88 10.87 9.12 -19.08
C ALA C 88 11.11 7.62 -19.19
N ASP C 89 11.51 7.02 -18.07
CA ASP C 89 11.82 5.60 -18.01
C ASP C 89 11.21 4.87 -16.80
N PRO C 90 9.89 4.92 -16.66
CA PRO C 90 9.17 4.28 -15.57
C PRO C 90 9.79 2.99 -15.04
N GLY C 91 10.02 2.02 -15.90
CA GLY C 91 10.59 0.78 -15.39
C GLY C 91 12.05 0.72 -14.95
N ARG C 92 12.89 1.66 -15.37
CA ARG C 92 14.30 1.62 -15.01
C ARG C 92 14.66 2.34 -13.71
N ASN C 93 15.84 2.07 -13.19
CA ASN C 93 16.29 2.69 -11.93
C ASN C 93 16.37 4.18 -12.11
N GLY C 94 16.03 4.91 -11.06
CA GLY C 94 16.07 6.36 -11.12
C GLY C 94 14.89 6.96 -10.39
N PRO C 95 14.47 8.17 -10.79
CA PRO C 95 13.35 8.87 -10.16
C PRO C 95 12.03 8.10 -10.15
N TRP C 96 11.68 7.47 -11.27
CA TRP C 96 10.40 6.75 -11.34
C TRP C 96 10.29 5.65 -10.32
N GLN C 97 11.42 5.23 -9.77
CA GLN C 97 11.36 4.19 -8.76
C GLN C 97 10.49 4.59 -7.57
N SER C 98 10.32 5.89 -7.35
CA SER C 98 9.52 6.34 -6.23
C SER C 98 8.05 6.26 -6.57
N THR C 99 7.73 6.33 -7.85
CA THR C 99 6.34 6.28 -8.29
C THR C 99 5.76 4.88 -8.22
N LEU C 100 4.47 4.81 -7.88
CA LEU C 100 3.81 3.52 -7.81
C LEU C 100 3.85 2.91 -9.21
N LEU C 101 3.82 3.75 -10.25
CA LEU C 101 3.86 3.25 -11.62
C LEU C 101 5.16 2.50 -11.87
N GLY C 102 6.27 3.11 -11.47
CA GLY C 102 7.55 2.49 -11.67
C GLY C 102 7.62 1.17 -10.94
N GLN C 103 7.07 1.13 -9.74
CA GLN C 103 7.11 -0.07 -8.95
C GLN C 103 6.33 -1.22 -9.56
N LEU C 104 5.20 -0.88 -10.16
CA LEU C 104 4.38 -1.90 -10.78
C LEU C 104 5.00 -2.40 -12.07
N CYS C 105 5.75 -1.53 -12.76
CA CYS C 105 6.41 -1.95 -13.99
C CYS C 105 7.37 -3.05 -13.64
N GLY C 106 7.79 -3.06 -12.38
CA GLY C 106 8.74 -4.06 -11.94
C GLY C 106 8.18 -5.46 -11.84
N TYR C 107 6.87 -5.58 -11.96
CA TYR C 107 6.24 -6.87 -11.87
C TYR C 107 5.88 -7.39 -13.25
N TYR C 108 6.34 -6.65 -14.25
CA TYR C 108 6.12 -6.97 -15.66
C TYR C 108 7.41 -6.87 -16.46
N THR C 109 7.34 -7.39 -17.69
CA THR C 109 8.49 -7.42 -18.56
C THR C 109 8.47 -6.36 -19.68
N GLN C 110 7.32 -6.14 -20.29
CA GLN C 110 7.21 -5.16 -21.38
C GLN C 110 6.08 -4.18 -21.10
N TRP C 111 6.12 -3.00 -21.70
CA TRP C 111 5.04 -2.01 -21.53
C TRP C 111 5.17 -0.82 -22.47
N SER C 112 4.07 -0.08 -22.62
CA SER C 112 4.03 1.09 -23.51
C SER C 112 2.79 1.95 -23.32
N GLY C 113 2.92 3.22 -23.72
CA GLY C 113 1.80 4.13 -23.60
C GLY C 113 2.30 5.53 -23.36
N SER C 114 1.37 6.45 -23.10
CA SER C 114 1.71 7.84 -22.83
C SER C 114 1.84 8.03 -21.32
N LEU C 115 2.60 9.04 -20.92
CA LEU C 115 2.79 9.33 -19.51
C LEU C 115 2.40 10.76 -19.27
N GLU C 116 2.33 11.10 -18.00
CA GLU C 116 1.95 12.44 -17.65
C GLU C 116 2.68 12.86 -16.41
N VAL C 117 3.27 14.04 -16.44
CA VAL C 117 3.98 14.55 -15.28
C VAL C 117 3.47 15.93 -14.97
N THR C 118 3.00 16.10 -13.74
CA THR C 118 2.48 17.38 -13.32
C THR C 118 3.44 18.03 -12.35
N PHE C 119 3.77 19.28 -12.62
CA PHE C 119 4.70 20.02 -11.77
C PHE C 119 3.90 21.02 -10.93
N MET C 120 4.11 20.99 -9.62
CA MET C 120 3.41 21.88 -8.69
C MET C 120 4.39 22.84 -8.03
N PHE C 121 4.22 24.13 -8.28
CA PHE C 121 5.11 25.12 -7.69
C PHE C 121 4.57 25.41 -6.32
N THR C 122 5.39 25.31 -5.29
CA THR C 122 4.92 25.56 -3.93
C THR C 122 5.59 26.76 -3.26
N GLY C 123 6.05 27.69 -4.09
CA GLY C 123 6.67 28.87 -3.52
C GLY C 123 5.62 29.81 -2.98
N SER C 124 6.08 30.99 -2.56
CA SER C 124 5.20 32.02 -2.03
C SER C 124 4.19 32.47 -3.08
N PHE C 125 3.11 33.09 -2.63
CA PHE C 125 2.10 33.57 -3.55
C PHE C 125 2.64 34.79 -4.25
N MET C 126 3.45 35.53 -3.51
CA MET C 126 4.04 36.75 -4.02
C MET C 126 5.15 36.51 -5.03
N ALA C 127 5.62 35.27 -5.16
CA ALA C 127 6.71 34.97 -6.09
C ALA C 127 6.23 34.78 -7.52
N THR C 128 7.01 35.25 -8.49
CA THR C 128 6.61 35.08 -9.89
C THR C 128 7.82 34.79 -10.78
N GLY C 129 7.57 34.29 -11.99
CA GLY C 129 8.65 33.97 -12.90
C GLY C 129 8.21 32.94 -13.93
N LYS C 130 9.10 32.62 -14.86
CA LYS C 130 8.79 31.65 -15.91
C LYS C 130 9.84 30.56 -16.07
N MET C 131 9.38 29.33 -16.24
CA MET C 131 10.23 28.16 -16.44
C MET C 131 9.88 27.56 -17.78
N LEU C 132 10.87 26.99 -18.47
CA LEU C 132 10.61 26.34 -19.75
C LEU C 132 10.80 24.83 -19.56
N ILE C 133 9.71 24.08 -19.64
CA ILE C 133 9.76 22.64 -19.48
C ILE C 133 9.75 22.06 -20.87
N ALA C 134 10.75 21.25 -21.18
CA ALA C 134 10.88 20.66 -22.51
C ALA C 134 11.05 19.15 -22.61
N TYR C 135 10.41 18.58 -23.63
CA TYR C 135 10.50 17.16 -23.91
C TYR C 135 11.27 16.94 -25.17
N THR C 136 12.32 16.13 -25.05
CA THR C 136 13.16 15.80 -26.17
C THR C 136 12.86 14.34 -26.42
N PRO C 137 12.26 14.02 -27.59
CA PRO C 137 11.92 12.63 -27.92
C PRO C 137 13.15 11.75 -27.84
N PRO C 138 12.93 10.43 -27.88
CA PRO C 138 14.00 9.41 -27.83
C PRO C 138 14.98 9.64 -28.96
N GLY C 139 16.28 9.42 -28.68
CA GLY C 139 17.28 9.66 -29.70
C GLY C 139 17.83 11.07 -29.52
N GLY C 140 16.93 12.05 -29.54
CA GLY C 140 17.33 13.43 -29.34
C GLY C 140 18.11 13.53 -28.05
N PRO C 141 19.15 14.36 -28.02
CA PRO C 141 20.04 14.60 -26.88
C PRO C 141 19.68 15.87 -26.13
N LEU C 142 19.98 15.87 -24.84
CA LEU C 142 19.66 17.03 -24.02
C LEU C 142 20.14 18.28 -24.73
N PRO C 143 19.23 19.25 -24.87
CA PRO C 143 19.49 20.54 -25.52
C PRO C 143 20.67 21.27 -24.87
N LYS C 144 21.54 21.79 -25.73
CA LYS C 144 22.70 22.53 -25.26
C LYS C 144 22.30 23.67 -24.32
N ASP C 145 21.27 24.42 -24.70
CA ASP C 145 20.80 25.57 -23.94
C ASP C 145 19.29 25.75 -23.98
N ARG C 146 18.80 26.78 -23.30
CA ARG C 146 17.38 27.06 -23.27
C ARG C 146 16.91 27.33 -24.68
N ALA C 147 17.70 28.15 -25.37
CA ALA C 147 17.41 28.55 -26.72
C ALA C 147 17.03 27.40 -27.64
N THR C 148 17.85 26.37 -27.67
CA THR C 148 17.59 25.24 -28.54
C THR C 148 16.46 24.39 -27.98
N ALA C 149 16.35 24.33 -26.67
CA ALA C 149 15.31 23.56 -26.04
C ALA C 149 13.96 24.14 -26.47
N MET C 150 13.95 25.46 -26.62
CA MET C 150 12.75 26.18 -27.02
C MET C 150 12.32 25.78 -28.42
N LEU C 151 13.27 25.37 -29.26
CA LEU C 151 12.94 24.98 -30.62
C LEU C 151 12.16 23.68 -30.68
N GLY C 152 12.20 22.93 -29.59
CA GLY C 152 11.50 21.66 -29.58
C GLY C 152 10.18 21.73 -28.88
N THR C 153 9.69 20.58 -28.43
CA THR C 153 8.41 20.55 -27.73
C THR C 153 8.69 21.16 -26.37
N HIS C 154 7.83 22.08 -25.97
CA HIS C 154 8.05 22.75 -24.69
C HIS C 154 6.84 23.50 -24.19
N VAL C 155 6.93 23.93 -22.94
CA VAL C 155 5.89 24.70 -22.31
C VAL C 155 6.54 25.82 -21.55
N ILE C 156 6.08 27.05 -21.76
CA ILE C 156 6.59 28.17 -20.99
C ILE C 156 5.64 28.20 -19.78
N TRP C 157 6.14 27.89 -18.59
CA TRP C 157 5.30 27.87 -17.40
C TRP C 157 5.51 29.12 -16.56
N ASP C 158 4.45 29.90 -16.37
CA ASP C 158 4.52 31.12 -15.56
C ASP C 158 3.92 30.77 -14.21
N PHE C 159 4.77 30.50 -13.22
CA PHE C 159 4.26 30.14 -11.90
C PHE C 159 3.68 31.33 -11.18
N GLY C 160 3.59 32.43 -11.90
CA GLY C 160 2.97 33.63 -11.35
C GLY C 160 1.50 33.46 -11.71
N LEU C 161 1.24 32.99 -12.93
CA LEU C 161 -0.12 32.77 -13.40
C LEU C 161 -0.73 31.46 -12.93
N GLN C 162 -0.10 30.33 -13.21
CA GLN C 162 -0.67 29.07 -12.74
C GLN C 162 0.30 28.30 -11.86
N SER C 163 -0.23 27.72 -10.79
CA SER C 163 0.60 26.99 -9.85
C SER C 163 0.99 25.57 -10.26
N SER C 164 0.22 24.96 -11.16
CA SER C 164 0.56 23.63 -11.64
C SER C 164 0.58 23.66 -13.15
N VAL C 165 1.24 22.68 -13.72
CA VAL C 165 1.31 22.54 -15.17
C VAL C 165 1.64 21.09 -15.45
N THR C 166 1.02 20.52 -16.46
CA THR C 166 1.23 19.13 -16.76
C THR C 166 1.81 18.89 -18.14
N LEU C 167 2.85 18.07 -18.18
CA LEU C 167 3.52 17.73 -19.42
C LEU C 167 3.12 16.34 -19.80
N VAL C 168 3.01 16.10 -21.09
CA VAL C 168 2.63 14.77 -21.51
C VAL C 168 3.71 14.11 -22.28
N ILE C 169 4.15 12.96 -21.80
CA ILE C 169 5.15 12.22 -22.51
C ILE C 169 4.31 11.41 -23.47
N PRO C 170 4.35 11.77 -24.75
CA PRO C 170 3.58 11.10 -25.80
C PRO C 170 3.76 9.59 -25.89
N TRP C 171 4.99 9.11 -25.76
CA TRP C 171 5.12 7.67 -25.86
C TRP C 171 6.45 7.09 -25.44
N ILE C 172 6.34 6.04 -24.64
CA ILE C 172 7.47 5.31 -24.14
C ILE C 172 7.11 3.85 -24.41
N SER C 173 8.13 3.07 -24.75
CA SER C 173 7.94 1.66 -25.07
C SER C 173 9.17 0.85 -24.69
N ASN C 174 9.03 0.07 -23.63
CA ASN C 174 10.09 -0.80 -23.12
C ASN C 174 9.91 -2.16 -23.78
N THR C 175 10.31 -2.27 -25.05
CA THR C 175 10.15 -3.52 -25.78
C THR C 175 11.42 -4.08 -26.36
N HIS C 176 12.35 -3.22 -26.79
CA HIS C 176 13.57 -3.72 -27.39
C HIS C 176 14.35 -4.64 -26.44
N TYR C 177 14.57 -5.89 -26.87
CA TYR C 177 15.27 -6.91 -26.08
C TYR C 177 16.79 -6.72 -26.12
N ARG C 178 17.44 -7.00 -24.98
CA ARG C 178 18.90 -6.90 -24.87
C ARG C 178 19.48 -8.15 -24.23
N ALA C 179 20.73 -8.44 -24.56
CA ALA C 179 21.42 -9.59 -24.02
C ALA C 179 22.86 -9.19 -23.71
N HIS C 180 23.03 -8.27 -22.75
CA HIS C 180 24.35 -7.77 -22.36
C HIS C 180 25.27 -8.80 -21.70
N ALA C 181 25.62 -8.58 -20.43
CA ALA C 181 26.50 -9.47 -19.69
C ALA C 181 26.25 -10.94 -20.04
N ARG C 182 25.20 -11.52 -19.46
CA ARG C 182 24.85 -12.92 -19.72
C ARG C 182 23.41 -13.04 -19.24
N ASP C 183 22.91 -11.90 -18.76
CA ASP C 183 21.56 -11.73 -18.24
C ASP C 183 20.75 -10.96 -19.30
N GLY C 184 19.74 -11.62 -19.88
CA GLY C 184 18.92 -10.97 -20.90
C GLY C 184 17.77 -10.12 -20.37
N VAL C 185 17.89 -8.79 -20.51
CA VAL C 185 16.85 -7.85 -20.05
C VAL C 185 16.03 -7.31 -21.24
N PHE C 186 14.86 -6.74 -20.96
CA PHE C 186 14.01 -6.14 -21.99
C PHE C 186 14.00 -4.64 -21.68
N ASP C 187 15.02 -3.92 -22.15
CA ASP C 187 15.15 -2.47 -21.86
C ASP C 187 14.54 -1.47 -22.86
N TYR C 188 14.43 -0.22 -22.41
CA TYR C 188 13.88 0.87 -23.21
C TYR C 188 14.72 1.15 -24.44
N TYR C 189 15.26 2.37 -24.45
CA TYR C 189 16.09 2.99 -25.48
C TYR C 189 15.23 4.21 -25.83
N THR C 190 13.94 4.06 -25.52
CA THR C 190 12.89 5.06 -25.72
C THR C 190 12.90 6.08 -24.57
N THR C 191 14.11 6.43 -24.16
CA THR C 191 14.26 7.40 -23.11
C THR C 191 14.09 8.77 -23.72
N GLY C 192 12.90 9.33 -23.55
CA GLY C 192 12.68 10.69 -24.02
C GLY C 192 13.23 11.48 -22.83
N LEU C 193 13.54 12.76 -22.98
CA LEU C 193 14.05 13.50 -21.84
C LEU C 193 13.21 14.70 -21.51
N VAL C 194 13.08 14.96 -20.22
CA VAL C 194 12.36 16.12 -19.77
C VAL C 194 13.40 17.02 -19.14
N SER C 195 13.57 18.22 -19.69
CA SER C 195 14.54 19.18 -19.14
C SER C 195 13.79 20.43 -18.68
N ILE C 196 14.16 20.97 -17.52
CA ILE C 196 13.49 22.15 -17.01
C ILE C 196 14.49 23.28 -16.94
N TRP C 197 14.16 24.41 -17.56
CA TRP C 197 15.06 25.55 -17.58
C TRP C 197 14.44 26.81 -17.00
N TYR C 198 15.29 27.70 -16.50
CA TYR C 198 14.81 28.96 -15.97
C TYR C 198 14.62 29.80 -17.23
N GLN C 199 13.40 30.28 -17.49
CA GLN C 199 13.19 31.15 -18.65
C GLN C 199 13.53 32.55 -18.16
N THR C 200 12.95 32.91 -17.01
CA THR C 200 13.23 34.20 -16.37
C THR C 200 13.90 33.85 -15.06
N ASN C 201 14.30 34.85 -14.31
CA ASN C 201 14.92 34.62 -13.01
C ASN C 201 13.76 34.54 -12.04
N TYR C 202 14.03 34.08 -10.82
CA TYR C 202 12.97 33.95 -9.82
C TYR C 202 12.75 35.35 -9.29
N VAL C 203 11.53 35.86 -9.39
CA VAL C 203 11.24 37.21 -8.92
C VAL C 203 10.40 37.20 -7.69
N VAL C 204 10.86 37.98 -6.72
CA VAL C 204 10.19 38.05 -5.47
C VAL C 204 10.34 39.44 -4.87
N PRO C 205 9.38 39.85 -4.02
CA PRO C 205 9.41 41.17 -3.37
C PRO C 205 10.09 41.03 -2.01
N ILE C 206 10.24 42.15 -1.32
CA ILE C 206 10.86 42.06 -0.01
C ILE C 206 9.97 41.22 0.89
N GLY C 207 10.56 40.29 1.66
CA GLY C 207 9.77 39.49 2.58
C GLY C 207 9.32 38.11 2.17
N ALA C 208 9.63 37.79 0.91
CA ALA C 208 9.30 36.50 0.35
C ALA C 208 10.60 35.69 0.22
N PRO C 209 10.53 34.39 0.53
CA PRO C 209 11.69 33.51 0.46
C PRO C 209 12.29 33.53 -0.95
N ASN C 210 13.59 33.25 -1.03
CA ASN C 210 14.33 33.27 -2.29
C ASN C 210 14.56 31.91 -2.89
N THR C 211 13.91 30.94 -2.28
CA THR C 211 13.96 29.57 -2.70
C THR C 211 12.60 28.98 -2.54
N ALA C 212 12.13 28.28 -3.56
CA ALA C 212 10.83 27.63 -3.51
C ALA C 212 11.02 26.24 -4.06
N TYR C 213 10.08 25.35 -3.75
CA TYR C 213 10.21 24.01 -4.27
C TYR C 213 9.10 23.60 -5.21
N ILE C 214 9.45 22.72 -6.15
CA ILE C 214 8.50 22.19 -7.11
C ILE C 214 8.33 20.71 -6.78
N ILE C 215 7.09 20.23 -6.78
CA ILE C 215 6.84 18.83 -6.52
C ILE C 215 6.39 18.26 -7.85
N ALA C 216 6.91 17.10 -8.20
CA ALA C 216 6.57 16.48 -9.45
C ALA C 216 5.74 15.25 -9.17
N LEU C 217 4.61 15.16 -9.85
CA LEU C 217 3.71 14.03 -9.73
C LEU C 217 3.65 13.38 -11.10
N ALA C 218 3.61 12.06 -11.15
CA ALA C 218 3.54 11.39 -12.44
C ALA C 218 2.67 10.17 -12.40
N ALA C 219 2.24 9.79 -13.59
CA ALA C 219 1.39 8.63 -13.77
C ALA C 219 1.33 8.29 -15.23
N ALA C 220 0.81 7.10 -15.53
CA ALA C 220 0.66 6.69 -16.91
C ALA C 220 -0.72 7.14 -17.37
N GLN C 221 -0.85 7.30 -18.67
CA GLN C 221 -2.10 7.72 -19.29
C GLN C 221 -3.00 6.49 -19.46
N LYS C 222 -4.20 6.70 -20.00
CA LYS C 222 -5.10 5.57 -20.19
C LYS C 222 -4.67 4.58 -21.27
N ASN C 223 -3.85 5.02 -22.21
CA ASN C 223 -3.40 4.11 -23.25
C ASN C 223 -2.22 3.25 -22.80
N PHE C 224 -1.94 3.24 -21.50
CA PHE C 224 -0.81 2.50 -21.00
C PHE C 224 -1.17 1.05 -20.72
N THR C 225 -0.20 0.15 -20.97
CA THR C 225 -0.34 -1.31 -20.75
C THR C 225 0.96 -2.01 -20.36
N MET C 226 0.84 -3.22 -19.82
CA MET C 226 2.02 -3.99 -19.43
C MET C 226 1.85 -5.47 -19.80
N LYS C 227 2.95 -6.15 -20.14
CA LYS C 227 2.91 -7.57 -20.54
C LYS C 227 3.96 -8.41 -19.82
N LEU C 228 3.75 -9.72 -19.86
CA LEU C 228 4.66 -10.68 -19.26
C LEU C 228 4.93 -10.50 -17.78
N CYS C 229 4.12 -11.13 -16.94
CA CYS C 229 4.33 -11.03 -15.49
C CYS C 229 5.77 -11.47 -15.14
N LYS C 230 6.40 -10.75 -14.23
CA LYS C 230 7.75 -11.07 -13.80
C LYS C 230 7.88 -10.68 -12.34
N ASP C 231 7.81 -11.66 -11.45
CA ASP C 231 7.94 -11.40 -10.02
C ASP C 231 9.41 -11.11 -9.73
N ALA C 232 9.72 -9.94 -9.18
CA ALA C 232 11.10 -9.65 -8.87
C ALA C 232 11.07 -8.63 -7.77
N SER C 233 11.98 -8.76 -6.82
CA SER C 233 12.03 -7.81 -5.71
C SER C 233 13.21 -8.13 -4.83
N ASP C 234 13.69 -7.11 -4.11
CA ASP C 234 14.83 -7.26 -3.21
C ASP C 234 14.22 -7.39 -1.82
N ILE C 235 13.01 -6.90 -1.73
CA ILE C 235 12.27 -6.94 -0.49
C ILE C 235 11.45 -8.22 -0.51
N LEU C 236 11.93 -9.21 0.23
CA LEU C 236 11.24 -10.50 0.31
C LEU C 236 10.99 -10.85 1.78
N GLN C 237 10.03 -11.73 2.01
CA GLN C 237 9.69 -12.15 3.35
C GLN C 237 10.96 -12.71 4.01
N THR C 238 11.20 -12.38 5.29
CA THR C 238 12.39 -12.85 6.01
C THR C 238 12.26 -14.24 6.65
N GLY C 239 13.42 -14.81 6.99
CA GLY C 239 13.47 -16.13 7.60
C GLY C 239 12.74 -16.27 8.93
NA NA D . -6.66 -31.30 -11.06
#